data_3AP3
#
_entry.id   3AP3
#
_cell.length_a   71.432
_cell.length_b   81.326
_cell.length_c   226.659
_cell.angle_alpha   90.00
_cell.angle_beta   90.00
_cell.angle_gamma   90.00
#
_symmetry.space_group_name_H-M   'P 2 21 21'
#
loop_
_entity.id
_entity.type
_entity.pdbx_description
1 polymer 'Protein-tyrosine sulfotransferase 2'
2 non-polymer "ADENOSINE-3'-5'-DIPHOSPHATE"
#
_entity_poly.entity_id   1
_entity_poly.type   'polypeptide(L)'
_entity_poly.pdbx_seq_one_letter_code
;MGSSHHHHHHSSGVPRGSHMGAMRPEQEELVMVGTNHVVYRYGKAMPLIFVGGVPRSGTTLMRAMLDAHPEVRCGEETRI
IPRVLAMRQAWSKSGREKLRLDEAGVTDEVLDAAMQAFILEVIAKHGEPARVLCNKDPFTLKSSVYLSRLFPNSKFLLMV
RDGRASVHSMITRKVTIAGFDLSSYRDCLTKWNKAIEVMYAQCMEVGKEKCLPVYYEQLVLHPRRSLKLILDFLGIAWSD
AVLHHEDLIGKPGGVSLSKIERSTDQVIKPVNLEALSKWTGHIPGDVVRDMAQIAPMLAQLGYDPYANPPNYGNPDPFVI
NNTQRVLKGDYKTPANLKGYFQVNQNSTSSHLGSS
;
_entity_poly.pdbx_strand_id   A,B,C,D
#
loop_
_chem_comp.id
_chem_comp.type
_chem_comp.name
_chem_comp.formula
A3P RNA linking ADENOSINE-3'-5'-DIPHOSPHATE 'C10 H15 N5 O10 P2'
#
# COMPACT_ATOMS: atom_id res chain seq x y z
N VAL A 39 41.88 -23.06 15.48
CA VAL A 39 40.46 -23.36 15.11
C VAL A 39 39.49 -22.76 16.13
N TYR A 40 38.93 -21.58 15.78
CA TYR A 40 38.01 -20.86 16.67
C TYR A 40 36.54 -21.04 16.30
N ARG A 41 35.75 -21.49 17.27
CA ARG A 41 34.31 -21.63 17.11
C ARG A 41 33.59 -20.38 17.58
N TYR A 42 32.46 -20.06 16.94
CA TYR A 42 31.66 -18.92 17.33
C TYR A 42 30.18 -19.22 17.19
N GLY A 43 29.45 -18.90 18.27
CA GLY A 43 28.02 -19.13 18.31
C GLY A 43 27.27 -18.13 19.18
N LYS A 44 25.96 -18.14 19.02
CA LYS A 44 24.99 -17.44 19.85
C LYS A 44 25.39 -17.27 21.33
N ALA A 45 25.93 -18.33 21.93
CA ALA A 45 26.10 -18.41 23.38
C ALA A 45 27.51 -18.12 23.89
N MET A 46 28.38 -17.63 22.99
CA MET A 46 29.77 -17.38 23.35
C MET A 46 29.95 -16.12 24.22
N PRO A 47 31.09 -16.02 24.92
CA PRO A 47 31.32 -14.84 25.75
C PRO A 47 31.77 -13.67 24.88
N LEU A 48 30.87 -12.64 24.84
CA LEU A 48 31.17 -11.47 24.05
C LEU A 48 31.31 -10.23 24.91
N ILE A 49 31.99 -9.24 24.36
CA ILE A 49 32.16 -7.99 25.06
C ILE A 49 31.69 -6.88 24.17
N PHE A 50 30.85 -6.03 24.72
CA PHE A 50 30.43 -4.85 24.02
C PHE A 50 30.81 -3.64 24.81
N VAL A 51 31.70 -2.85 24.19
CA VAL A 51 32.12 -1.59 24.77
C VAL A 51 31.31 -0.50 24.11
N GLY A 52 30.98 0.54 24.89
CA GLY A 52 30.25 1.70 24.36
C GLY A 52 30.13 2.91 25.28
N GLY A 53 29.07 3.71 25.02
CA GLY A 53 28.87 5.00 25.66
C GLY A 53 28.81 6.11 24.61
N VAL A 54 28.62 7.34 25.05
CA VAL A 54 28.63 8.47 24.14
C VAL A 54 30.04 8.61 23.57
N PRO A 55 30.14 8.92 22.27
CA PRO A 55 31.41 9.21 21.64
C PRO A 55 32.26 10.17 22.46
N ARG A 56 33.56 10.11 22.22
CA ARG A 56 34.53 10.93 22.94
C ARG A 56 34.65 10.51 24.40
N SER A 57 34.08 9.34 24.73
CA SER A 57 34.15 8.80 26.09
C SER A 57 35.22 7.73 26.23
N GLY A 58 36.36 7.98 25.57
CA GLY A 58 37.50 7.10 25.63
C GLY A 58 37.11 5.66 25.38
N THR A 59 36.13 5.47 24.50
CA THR A 59 35.69 4.12 24.15
C THR A 59 36.74 3.39 23.29
N THR A 60 37.34 4.13 22.34
CA THR A 60 38.45 3.59 21.53
C THR A 60 39.59 3.16 22.45
N LEU A 61 39.93 4.03 23.39
CA LEU A 61 40.88 3.71 24.42
C LEU A 61 40.47 2.42 25.10
N MET A 62 39.25 2.35 25.61
CA MET A 62 38.81 1.16 26.32
C MET A 62 39.03 -0.10 25.54
N ARG A 63 38.54 -0.13 24.30
CA ARG A 63 38.64 -1.36 23.51
C ARG A 63 40.06 -1.68 23.10
N ALA A 64 40.87 -0.65 22.82
CA ALA A 64 42.25 -0.84 22.40
C ALA A 64 43.07 -1.67 23.40
N MET A 65 42.80 -1.47 24.68
CA MET A 65 43.49 -2.20 25.74
C MET A 65 43.00 -3.62 25.83
N LEU A 66 41.78 -3.87 25.38
CA LEU A 66 41.26 -5.22 25.32
C LEU A 66 41.75 -6.01 24.09
N ASP A 67 41.97 -5.31 22.96
CA ASP A 67 42.53 -5.90 21.74
C ASP A 67 43.93 -6.45 21.99
N ALA A 68 44.71 -5.64 22.71
CA ALA A 68 46.09 -5.96 23.08
C ALA A 68 46.19 -7.29 23.82
N HIS A 69 45.20 -7.56 24.69
CA HIS A 69 45.05 -8.86 25.33
C HIS A 69 45.03 -9.93 24.24
N PRO A 70 45.86 -10.97 24.40
CA PRO A 70 46.00 -12.02 23.39
C PRO A 70 44.68 -12.72 23.14
N GLU A 71 44.01 -13.10 24.26
CA GLU A 71 42.74 -13.82 24.20
C GLU A 71 41.60 -12.99 23.64
N VAL A 72 41.85 -11.69 23.38
CA VAL A 72 40.75 -10.82 23.01
C VAL A 72 41.03 -9.95 21.79
N ARG A 73 39.96 -9.72 21.04
CA ARG A 73 39.94 -8.79 19.93
C ARG A 73 38.59 -8.04 19.91
N CYS A 74 38.68 -6.72 19.72
CA CYS A 74 37.51 -5.87 19.52
C CYS A 74 37.48 -5.31 18.13
N GLY A 75 38.67 -4.91 17.66
CA GLY A 75 38.81 -4.24 16.37
C GLY A 75 38.06 -2.93 16.35
N GLU A 76 37.97 -2.33 15.16
CA GLU A 76 37.42 -0.99 14.98
C GLU A 76 35.90 -0.90 15.21
N GLU A 77 35.36 0.29 14.98
CA GLU A 77 33.93 0.53 14.96
C GLU A 77 33.37 -0.03 13.67
N THR A 78 32.28 -0.78 13.77
CA THR A 78 31.64 -1.39 12.60
C THR A 78 30.74 -0.43 11.80
N ARG A 79 30.05 0.48 12.48
CA ARG A 79 29.09 1.40 11.86
C ARG A 79 27.82 0.67 11.52
N ILE A 80 27.95 -0.58 11.13
CA ILE A 80 26.83 -1.32 10.57
C ILE A 80 25.95 -1.90 11.66
N ILE A 81 26.57 -2.34 12.76
CA ILE A 81 25.82 -2.98 13.81
C ILE A 81 24.78 -2.04 14.40
N PRO A 82 25.20 -0.82 14.79
CA PRO A 82 24.20 0.12 15.29
C PRO A 82 23.11 0.39 14.25
N ARG A 83 23.54 0.55 13.01
CA ARG A 83 22.65 0.84 11.91
C ARG A 83 21.56 -0.19 11.78
N VAL A 84 21.92 -1.47 11.86
CA VAL A 84 20.94 -2.56 11.72
C VAL A 84 20.09 -2.73 12.98
N LEU A 85 20.59 -2.22 14.10
CA LEU A 85 19.82 -2.22 15.33
C LEU A 85 18.80 -1.10 15.30
N ALA A 86 19.24 0.10 14.85
CA ALA A 86 18.36 1.26 14.67
C ALA A 86 17.09 0.89 13.89
N MET A 87 17.27 0.22 12.75
CA MET A 87 16.16 -0.30 11.97
C MET A 87 15.43 -1.41 12.72
N ARG A 88 16.17 -2.21 13.49
CA ARG A 88 15.59 -3.34 14.24
C ARG A 88 14.59 -2.80 15.22
N GLN A 89 15.05 -1.83 16.01
CA GLN A 89 14.19 -1.06 16.86
C GLN A 89 12.92 -0.68 16.10
N ALA A 90 13.11 0.06 15.01
CA ALA A 90 12.03 0.60 14.19
C ALA A 90 10.85 -0.35 13.92
N TRP A 91 11.13 -1.56 13.45
CA TRP A 91 10.05 -2.47 13.00
C TRP A 91 9.17 -3.03 14.12
N SER A 92 9.71 -3.10 15.34
CA SER A 92 8.90 -3.47 16.48
C SER A 92 8.35 -2.25 17.19
N GLU A 103 1.74 -11.40 10.78
CA GLU A 103 0.98 -11.98 9.67
C GLU A 103 1.87 -12.65 8.62
N ALA A 104 3.02 -12.02 8.37
CA ALA A 104 4.02 -12.52 7.42
C ALA A 104 4.78 -13.77 7.92
N GLY A 105 4.53 -14.13 9.19
CA GLY A 105 5.28 -15.19 9.88
C GLY A 105 6.58 -14.64 10.47
N VAL A 106 6.81 -13.34 10.25
CA VAL A 106 8.02 -12.64 10.67
C VAL A 106 7.87 -12.19 12.13
N THR A 107 7.84 -13.19 13.04
CA THR A 107 7.66 -12.96 14.48
C THR A 107 8.94 -12.45 15.13
N ASP A 108 8.82 -11.94 16.36
CA ASP A 108 9.98 -11.50 17.14
C ASP A 108 11.14 -12.52 17.07
N GLU A 109 10.81 -13.80 17.33
CA GLU A 109 11.76 -14.92 17.34
C GLU A 109 12.64 -15.00 16.09
N VAL A 110 12.03 -14.75 14.92
CA VAL A 110 12.73 -14.78 13.65
C VAL A 110 13.68 -13.58 13.51
N LEU A 111 13.15 -12.37 13.64
CA LEU A 111 13.93 -11.15 13.57
C LEU A 111 15.19 -11.26 14.43
N ASP A 112 14.99 -11.68 15.67
CA ASP A 112 16.06 -11.88 16.62
C ASP A 112 17.06 -12.92 16.12
N ALA A 113 16.54 -14.08 15.71
CA ALA A 113 17.37 -15.14 15.15
C ALA A 113 18.22 -14.58 14.00
N ALA A 114 17.58 -13.76 13.18
CA ALA A 114 18.23 -13.10 12.05
C ALA A 114 19.26 -12.07 12.52
N MET A 115 18.93 -11.36 13.59
CA MET A 115 19.84 -10.37 14.15
C MET A 115 21.11 -11.05 14.68
N GLN A 116 20.92 -12.05 15.54
CA GLN A 116 22.00 -12.86 16.11
C GLN A 116 23.02 -13.16 15.03
N ALA A 117 22.58 -14.00 14.11
CA ALA A 117 23.39 -14.41 12.98
C ALA A 117 24.06 -13.21 12.32
N PHE A 118 23.31 -12.14 12.05
CA PHE A 118 23.86 -11.01 11.31
C PHE A 118 25.04 -10.44 12.05
N ILE A 119 24.80 -10.10 13.32
CA ILE A 119 25.81 -9.49 14.15
C ILE A 119 27.01 -10.42 14.32
N LEU A 120 26.75 -11.66 14.75
CA LEU A 120 27.81 -12.66 14.93
C LEU A 120 28.82 -12.62 13.81
N GLU A 121 28.34 -12.74 12.59
CA GLU A 121 29.21 -12.75 11.41
C GLU A 121 30.07 -11.51 11.34
N VAL A 122 29.46 -10.34 11.47
CA VAL A 122 30.21 -9.09 11.36
C VAL A 122 31.42 -9.11 12.29
N ILE A 123 31.14 -9.25 13.60
CA ILE A 123 32.19 -9.25 14.62
C ILE A 123 33.21 -10.33 14.31
N ALA A 124 32.72 -11.58 14.14
CA ALA A 124 33.61 -12.70 13.83
C ALA A 124 34.53 -12.35 12.67
N LYS A 125 33.95 -11.83 11.59
CA LYS A 125 34.72 -11.71 10.35
C LYS A 125 35.44 -10.40 10.14
N HIS A 126 34.96 -9.32 10.73
CA HIS A 126 35.51 -8.01 10.41
C HIS A 126 36.96 -7.81 10.89
N GLY A 127 37.44 -8.70 11.75
CA GLY A 127 38.81 -8.62 12.27
C GLY A 127 39.48 -9.96 12.45
N GLU A 128 40.74 -9.94 12.94
CA GLU A 128 41.49 -11.15 13.26
C GLU A 128 40.76 -12.00 14.31
N PRO A 129 40.91 -13.33 14.25
CA PRO A 129 40.18 -14.17 15.20
C PRO A 129 40.79 -14.16 16.61
N ALA A 130 40.03 -14.69 17.58
CA ALA A 130 40.46 -14.79 18.97
C ALA A 130 39.54 -15.77 19.71
N ARG A 131 39.85 -16.06 20.99
CA ARG A 131 38.99 -16.91 21.81
C ARG A 131 37.83 -16.10 22.45
N VAL A 132 38.09 -14.84 22.82
CA VAL A 132 37.04 -13.93 23.31
C VAL A 132 36.86 -12.76 22.35
N LEU A 133 35.65 -12.63 21.83
CA LEU A 133 35.37 -11.59 20.86
C LEU A 133 34.65 -10.43 21.48
N CYS A 134 35.00 -9.25 20.99
CA CYS A 134 34.45 -8.02 21.49
C CYS A 134 34.17 -7.05 20.35
N ASN A 135 33.25 -6.12 20.59
CA ASN A 135 32.88 -5.12 19.61
C ASN A 135 32.69 -3.74 20.22
N LYS A 136 33.23 -2.74 19.54
CA LYS A 136 33.05 -1.36 20.00
C LYS A 136 32.38 -0.46 18.97
N ASP A 137 31.13 -0.15 19.25
CA ASP A 137 30.38 0.86 18.51
C ASP A 137 29.53 1.68 19.47
N PRO A 138 29.96 2.94 19.71
CA PRO A 138 29.39 3.71 20.80
C PRO A 138 27.91 3.43 21.05
N PHE A 139 27.06 3.62 20.04
CA PHE A 139 25.62 3.66 20.30
C PHE A 139 24.94 2.32 20.53
N THR A 140 25.69 1.24 20.42
CA THR A 140 25.17 -0.10 20.69
C THR A 140 24.58 -0.18 22.09
N LEU A 141 25.29 0.40 23.04
CA LEU A 141 24.90 0.35 24.42
C LEU A 141 23.50 0.91 24.62
N LYS A 142 22.96 1.49 23.55
CA LYS A 142 21.58 1.97 23.54
C LYS A 142 20.60 0.80 23.59
N SER A 143 21.00 -0.33 23.01
CA SER A 143 20.07 -1.43 22.81
C SER A 143 20.44 -2.60 23.68
N SER A 144 21.41 -2.34 24.58
CA SER A 144 22.01 -3.40 25.38
C SER A 144 21.04 -4.40 26.04
N VAL A 145 19.91 -3.93 26.54
CA VAL A 145 18.90 -4.84 27.11
C VAL A 145 18.57 -5.92 26.09
N TYR A 146 18.22 -5.47 24.88
CA TYR A 146 17.99 -6.37 23.76
C TYR A 146 19.20 -7.26 23.52
N LEU A 147 20.37 -6.64 23.36
CA LEU A 147 21.61 -7.36 23.07
C LEU A 147 21.84 -8.49 24.06
N SER A 148 21.47 -8.27 25.33
CA SER A 148 21.67 -9.29 26.36
C SER A 148 20.75 -10.48 26.20
N ARG A 149 19.57 -10.22 25.65
CA ARG A 149 18.62 -11.29 25.39
C ARG A 149 19.08 -12.16 24.23
N LEU A 150 19.67 -11.54 23.22
CA LEU A 150 20.22 -12.25 22.07
C LEU A 150 21.40 -13.14 22.42
N PHE A 151 22.32 -12.59 23.21
CA PHE A 151 23.59 -13.25 23.51
C PHE A 151 23.75 -13.33 25.02
N PRO A 152 23.02 -14.28 25.64
CA PRO A 152 22.86 -14.40 27.09
C PRO A 152 24.17 -14.53 27.89
N ASN A 153 25.30 -14.58 27.19
CA ASN A 153 26.60 -14.61 27.86
C ASN A 153 27.52 -13.48 27.45
N SER A 154 26.96 -12.49 26.76
CA SER A 154 27.68 -11.27 26.49
C SER A 154 27.72 -10.38 27.72
N LYS A 155 28.76 -9.55 27.79
CA LYS A 155 28.92 -8.59 28.88
C LYS A 155 29.12 -7.19 28.31
N PHE A 156 28.90 -6.18 29.16
CA PHE A 156 28.86 -4.83 28.68
C PHE A 156 29.62 -3.87 29.55
N LEU A 157 30.44 -3.06 28.88
CA LEU A 157 31.17 -2.00 29.54
C LEU A 157 30.68 -0.66 29.01
N LEU A 158 30.19 0.17 29.92
CA LEU A 158 29.62 1.44 29.55
C LEU A 158 30.54 2.59 29.97
N MET A 159 31.18 3.21 28.98
CA MET A 159 32.17 4.27 29.22
C MET A 159 31.52 5.55 29.65
N VAL A 160 31.84 5.97 30.87
CA VAL A 160 31.28 7.18 31.46
C VAL A 160 32.36 8.26 31.59
N ARG A 161 32.26 9.30 30.78
CA ARG A 161 33.21 10.41 30.85
C ARG A 161 32.46 11.71 31.15
N ASP A 162 33.08 12.60 31.93
CA ASP A 162 32.54 13.92 32.16
C ASP A 162 32.08 14.46 30.80
N GLY A 163 30.76 14.58 30.62
CA GLY A 163 30.20 15.07 29.36
C GLY A 163 30.76 16.41 28.93
N ARG A 164 31.26 17.15 29.91
CA ARG A 164 31.93 18.43 29.69
C ARG A 164 33.22 18.23 28.92
N ALA A 165 33.86 17.11 29.18
CA ALA A 165 35.00 16.70 28.42
C ALA A 165 34.52 16.17 27.06
N SER A 166 33.52 15.29 27.08
CA SER A 166 32.97 14.71 25.85
C SER A 166 32.55 15.80 24.88
N VAL A 167 31.72 16.71 25.37
CA VAL A 167 31.10 17.73 24.54
C VAL A 167 32.13 18.75 24.04
N HIS A 168 33.08 19.09 24.90
CA HIS A 168 34.20 19.91 24.47
C HIS A 168 34.88 19.19 23.32
N SER A 169 35.31 17.96 23.60
CA SER A 169 36.03 17.14 22.62
C SER A 169 35.35 17.20 21.25
N MET A 170 34.06 16.85 21.21
CA MET A 170 33.34 16.79 19.95
C MET A 170 33.16 18.16 19.32
N ILE A 171 33.13 19.21 20.14
CA ILE A 171 32.97 20.56 19.62
C ILE A 171 34.26 21.08 18.99
N THR A 172 35.36 20.91 19.70
CA THR A 172 36.63 21.39 19.20
C THR A 172 37.14 20.53 18.06
N ARG A 173 36.85 19.22 18.11
CA ARG A 173 37.39 18.29 17.13
C ARG A 173 36.52 18.17 15.87
N LYS A 174 35.34 18.80 15.88
CA LYS A 174 34.38 18.78 14.75
C LYS A 174 33.73 17.42 14.43
N VAL A 175 33.56 16.60 15.46
CA VAL A 175 33.04 15.24 15.30
C VAL A 175 31.50 15.18 15.20
N THR A 176 30.98 15.29 13.98
CA THR A 176 29.54 15.22 13.75
C THR A 176 28.92 13.86 14.16
N ILE A 177 27.91 13.92 15.05
CA ILE A 177 27.18 12.73 15.50
C ILE A 177 25.67 12.84 15.23
N ALA A 178 24.92 11.77 15.59
CA ALA A 178 23.47 11.65 15.38
C ALA A 178 22.62 12.69 16.13
N GLY A 179 22.48 13.88 15.52
CA GLY A 179 21.65 14.97 16.09
C GLY A 179 22.41 16.02 16.89
N PHE A 180 23.68 15.75 17.18
CA PHE A 180 24.52 16.64 17.98
C PHE A 180 24.98 17.85 17.17
N ASP A 181 24.28 18.97 17.39
CA ASP A 181 24.55 20.23 16.68
C ASP A 181 25.76 20.92 17.29
N LEU A 182 26.84 21.01 16.52
CA LEU A 182 28.15 21.47 16.99
C LEU A 182 28.23 22.95 17.38
N SER A 183 27.18 23.70 17.03
CA SER A 183 27.11 25.15 17.17
C SER A 183 26.76 25.68 18.59
N SER A 184 26.21 24.80 19.42
CA SER A 184 25.79 25.18 20.77
C SER A 184 26.19 24.11 21.77
N TYR A 185 27.02 24.52 22.74
CA TYR A 185 27.34 23.66 23.88
C TYR A 185 26.06 23.19 24.58
N ARG A 186 25.12 24.13 24.73
CA ARG A 186 23.82 23.88 25.38
C ARG A 186 23.12 22.71 24.73
N ASP A 187 23.04 22.76 23.40
CA ASP A 187 22.48 21.69 22.62
C ASP A 187 23.21 20.40 22.98
N CYS A 188 24.51 20.39 22.70
CA CYS A 188 25.33 19.18 22.83
C CYS A 188 25.18 18.49 24.17
N LEU A 189 25.11 19.30 25.22
CA LEU A 189 25.10 18.81 26.58
C LEU A 189 23.76 18.21 26.94
N THR A 190 22.70 18.88 26.50
CA THR A 190 21.36 18.37 26.64
C THR A 190 21.33 17.00 25.99
N LYS A 191 21.95 16.95 24.80
CA LYS A 191 21.92 15.77 23.97
C LYS A 191 22.68 14.65 24.66
N TRP A 192 23.95 14.91 24.98
CA TRP A 192 24.78 14.01 25.78
C TRP A 192 23.94 13.50 26.92
N ASN A 193 23.25 14.45 27.56
CA ASN A 193 22.47 14.16 28.74
C ASN A 193 21.40 13.12 28.43
N LYS A 194 20.53 13.43 27.49
CA LYS A 194 19.51 12.48 27.09
C LYS A 194 20.18 11.15 26.78
N ALA A 195 21.20 11.20 25.93
CA ALA A 195 21.89 10.00 25.48
C ALA A 195 22.29 9.13 26.66
N ILE A 196 23.14 9.67 27.52
CA ILE A 196 23.77 8.92 28.59
C ILE A 196 22.73 8.31 29.54
N GLU A 197 21.68 9.09 29.81
CA GLU A 197 20.61 8.72 30.71
C GLU A 197 20.03 7.36 30.31
N VAL A 198 19.86 7.19 29.01
CA VAL A 198 19.23 6.01 28.47
C VAL A 198 20.14 4.80 28.63
N MET A 199 21.34 4.88 28.04
CA MET A 199 22.31 3.79 28.09
C MET A 199 22.50 3.29 29.53
N TYR A 200 22.50 4.23 30.48
CA TYR A 200 22.64 3.90 31.89
C TYR A 200 21.42 3.15 32.38
N ALA A 201 20.24 3.68 32.06
CA ALA A 201 18.98 3.05 32.42
C ALA A 201 19.01 1.60 31.96
N GLN A 202 19.39 1.41 30.69
CA GLN A 202 19.62 0.10 30.13
C GLN A 202 20.58 -0.70 30.99
N CYS A 203 21.79 -0.18 31.14
CA CYS A 203 22.84 -0.84 31.91
C CYS A 203 22.36 -1.29 33.29
N MET A 204 21.50 -0.46 33.90
CA MET A 204 20.96 -0.72 35.23
C MET A 204 19.92 -1.82 35.20
N GLU A 205 19.02 -1.74 34.23
CA GLU A 205 18.04 -2.78 34.02
C GLU A 205 18.79 -4.07 33.81
N VAL A 206 19.79 -4.01 32.94
CA VAL A 206 20.64 -5.14 32.59
C VAL A 206 21.12 -5.87 33.83
N GLY A 207 21.72 -5.12 34.75
CA GLY A 207 22.20 -5.69 35.99
C GLY A 207 23.70 -5.62 36.16
N LYS A 208 24.10 -5.48 37.43
CA LYS A 208 25.50 -5.35 37.85
C LYS A 208 26.34 -6.51 37.33
N GLU A 209 25.67 -7.63 37.11
CA GLU A 209 26.30 -8.87 36.69
C GLU A 209 26.75 -8.87 35.24
N LYS A 210 26.01 -8.15 34.39
CA LYS A 210 26.32 -8.13 32.96
C LYS A 210 26.88 -6.79 32.47
N CYS A 211 26.55 -5.72 33.18
CA CYS A 211 26.99 -4.39 32.79
C CYS A 211 27.85 -3.74 33.87
N LEU A 212 28.95 -3.16 33.42
CA LEU A 212 29.89 -2.51 34.31
C LEU A 212 30.17 -1.10 33.82
N PRO A 213 29.87 -0.11 34.65
CA PRO A 213 30.16 1.28 34.29
C PRO A 213 31.64 1.54 34.42
N VAL A 214 32.20 2.31 33.50
CA VAL A 214 33.63 2.48 33.44
C VAL A 214 34.01 3.95 33.29
N TYR A 215 34.55 4.50 34.37
CA TYR A 215 34.85 5.92 34.44
C TYR A 215 36.17 6.24 33.79
N TYR A 216 36.09 6.87 32.62
CA TYR A 216 37.25 7.28 31.86
C TYR A 216 38.35 7.89 32.69
N GLU A 217 37.99 8.81 33.58
CA GLU A 217 38.99 9.50 34.38
C GLU A 217 39.58 8.60 35.45
N GLN A 218 38.75 7.70 35.99
CA GLN A 218 39.23 6.64 36.89
C GLN A 218 40.22 5.74 36.19
N LEU A 219 39.96 5.50 34.91
CA LEU A 219 40.80 4.67 34.07
C LEU A 219 42.13 5.36 33.78
N VAL A 220 42.06 6.63 33.33
CA VAL A 220 43.27 7.37 32.95
C VAL A 220 44.25 7.52 34.12
N LEU A 221 43.70 7.81 35.30
CA LEU A 221 44.48 7.93 36.52
C LEU A 221 45.00 6.60 37.06
N HIS A 222 44.11 5.62 37.24
CA HIS A 222 44.48 4.32 37.83
C HIS A 222 44.24 3.15 36.86
N PRO A 223 44.98 3.14 35.74
CA PRO A 223 44.72 2.10 34.75
C PRO A 223 44.89 0.70 35.34
N ARG A 224 45.94 0.52 36.14
CA ARG A 224 46.26 -0.79 36.70
C ARG A 224 45.11 -1.34 37.56
N ARG A 225 44.67 -0.54 38.52
CA ARG A 225 43.55 -0.94 39.36
CA ARG A 225 43.53 -0.90 39.36
C ARG A 225 42.34 -1.19 38.46
N SER A 226 42.07 -0.24 37.57
CA SER A 226 40.90 -0.30 36.69
C SER A 226 40.78 -1.64 35.98
N LEU A 227 41.73 -1.88 35.08
CA LEU A 227 41.63 -3.04 34.21
C LEU A 227 41.42 -4.31 35.00
N LYS A 228 42.20 -4.43 36.08
CA LYS A 228 42.07 -5.56 36.99
C LYS A 228 40.60 -5.89 37.22
N LEU A 229 39.87 -4.94 37.80
CA LEU A 229 38.47 -5.15 38.16
C LEU A 229 37.63 -5.44 36.92
N ILE A 230 37.98 -4.76 35.83
CA ILE A 230 37.25 -4.87 34.57
C ILE A 230 37.25 -6.31 34.13
N LEU A 231 38.45 -6.81 33.89
CA LEU A 231 38.59 -8.16 33.42
C LEU A 231 38.02 -9.12 34.45
N ASP A 232 38.01 -8.70 35.73
CA ASP A 232 37.48 -9.54 36.81
C ASP A 232 35.98 -9.67 36.63
N PHE A 233 35.33 -8.52 36.50
CA PHE A 233 33.93 -8.49 36.15
C PHE A 233 33.72 -9.31 34.88
N LEU A 234 34.65 -9.18 33.95
CA LEU A 234 34.62 -9.92 32.70
C LEU A 234 34.89 -11.41 32.90
N GLY A 235 35.65 -11.75 33.93
CA GLY A 235 36.01 -13.14 34.20
C GLY A 235 37.06 -13.70 33.25
N ILE A 236 38.09 -12.89 32.95
CA ILE A 236 39.26 -13.33 32.14
C ILE A 236 40.56 -13.18 32.94
N ALA A 237 41.51 -14.10 32.74
CA ALA A 237 42.78 -14.10 33.46
C ALA A 237 43.64 -12.89 33.14
N TRP A 238 44.40 -12.42 34.14
CA TRP A 238 45.18 -11.19 33.99
C TRP A 238 46.24 -11.24 32.89
N SER A 239 46.39 -10.10 32.22
CA SER A 239 47.52 -9.84 31.35
C SER A 239 47.95 -8.40 31.53
N ASP A 240 49.25 -8.18 31.67
CA ASP A 240 49.81 -6.83 31.85
C ASP A 240 49.84 -6.04 30.53
N ALA A 241 49.72 -6.74 29.40
CA ALA A 241 49.79 -6.13 28.06
C ALA A 241 48.84 -4.95 27.97
N VAL A 242 47.73 -5.08 28.70
CA VAL A 242 46.69 -4.07 28.76
C VAL A 242 47.28 -2.67 28.89
N LEU A 243 48.27 -2.56 29.76
CA LEU A 243 48.82 -1.26 30.07
C LEU A 243 49.79 -0.82 28.99
N HIS A 244 50.11 -1.75 28.10
CA HIS A 244 51.10 -1.52 27.05
C HIS A 244 50.46 -1.64 25.69
N HIS A 245 49.20 -1.26 25.60
CA HIS A 245 48.50 -1.29 24.35
C HIS A 245 49.30 -0.59 23.25
N GLU A 246 49.88 0.56 23.57
CA GLU A 246 50.61 1.39 22.61
C GLU A 246 51.62 0.57 21.82
N ASP A 247 52.08 -0.51 22.46
CA ASP A 247 53.13 -1.36 21.91
C ASP A 247 52.58 -2.51 21.05
N LEU A 248 51.26 -2.53 20.83
CA LEU A 248 50.63 -3.65 20.10
C LEU A 248 49.76 -3.24 18.88
N ILE A 249 49.99 -2.06 18.33
CA ILE A 249 49.20 -1.53 17.22
C ILE A 249 49.69 -2.07 15.88
N GLY A 250 48.76 -2.56 15.07
CA GLY A 250 49.09 -3.14 13.76
C GLY A 250 49.80 -4.47 13.93
N LYS A 251 49.96 -4.90 15.17
CA LYS A 251 50.57 -6.18 15.47
C LYS A 251 49.46 -7.19 15.68
N PRO A 252 49.71 -8.45 15.26
CA PRO A 252 48.78 -9.57 15.40
C PRO A 252 48.41 -9.89 16.86
N GLY A 253 47.19 -10.48 17.06
CA GLY A 253 46.66 -10.77 18.40
C GLY A 253 46.26 -9.51 19.14
N GLY A 254 46.80 -8.40 18.67
CA GLY A 254 46.70 -7.14 19.36
C GLY A 254 45.66 -6.21 18.78
N VAL A 255 46.09 -4.98 18.51
CA VAL A 255 45.21 -3.84 18.32
C VAL A 255 45.17 -3.34 16.87
N SER A 256 43.99 -3.41 16.28
CA SER A 256 43.77 -3.00 14.89
C SER A 256 43.03 -1.64 14.79
N LEU A 257 43.71 -0.64 14.19
CA LEU A 257 43.20 0.74 14.17
C LEU A 257 42.77 1.27 12.80
N SER A 258 41.58 1.89 12.78
CA SER A 258 41.07 2.60 11.60
C SER A 258 41.76 3.94 11.46
N LYS A 259 42.42 4.17 10.32
CA LYS A 259 43.18 5.41 10.13
C LYS A 259 42.30 6.61 9.74
N ILE A 260 40.98 6.40 9.74
CA ILE A 260 40.07 7.53 9.59
C ILE A 260 39.11 7.67 10.77
N GLU A 261 39.15 6.74 11.72
CA GLU A 261 38.41 6.93 12.96
C GLU A 261 39.02 8.07 13.76
N ARG A 262 38.17 8.81 14.47
CA ARG A 262 38.58 10.09 15.05
C ARG A 262 39.49 9.97 16.26
N SER A 263 39.09 9.08 17.20
CA SER A 263 39.95 8.80 18.36
C SER A 263 41.00 7.77 18.01
N THR A 264 41.94 8.21 17.20
CA THR A 264 43.05 7.37 16.80
C THR A 264 44.34 8.01 17.26
N ASP A 265 44.67 9.17 16.71
CA ASP A 265 45.97 9.79 16.96
C ASP A 265 46.23 10.07 18.44
N GLN A 266 45.22 9.83 19.28
CA GLN A 266 45.36 9.89 20.75
C GLN A 266 45.56 8.51 21.41
N VAL A 267 44.97 7.48 20.83
CA VAL A 267 45.10 6.08 21.30
C VAL A 267 46.47 5.49 20.96
N ILE A 268 47.14 6.09 19.96
CA ILE A 268 48.49 5.67 19.55
C ILE A 268 49.49 5.80 20.71
N LYS A 269 49.29 6.83 21.52
CA LYS A 269 50.07 7.04 22.75
C LYS A 269 49.49 6.16 23.87
N PRO A 270 50.32 5.85 24.89
CA PRO A 270 49.83 5.12 26.06
C PRO A 270 48.89 5.97 26.92
N VAL A 271 48.17 5.29 27.81
CA VAL A 271 47.26 5.93 28.76
C VAL A 271 47.90 7.22 29.28
N ASN A 272 47.44 8.36 28.76
CA ASN A 272 47.94 9.66 29.23
C ASN A 272 46.87 10.62 29.76
N LEU A 273 47.32 11.57 30.56
CA LEU A 273 46.42 12.37 31.36
C LEU A 273 45.93 13.62 30.64
N GLU A 274 46.66 14.04 29.59
CA GLU A 274 46.48 15.37 29.02
C GLU A 274 45.03 15.79 28.75
N ALA A 275 44.17 14.81 28.52
CA ALA A 275 42.79 15.07 28.13
C ALA A 275 41.82 15.38 29.28
N LEU A 276 42.12 14.83 30.49
CA LEU A 276 41.14 14.83 31.57
C LEU A 276 40.39 16.15 31.71
N SER A 277 41.13 17.25 31.71
CA SER A 277 40.59 18.52 32.17
C SER A 277 40.84 19.71 31.23
N LYS A 278 41.41 19.47 30.05
CA LYS A 278 41.65 20.59 29.14
C LYS A 278 40.36 21.34 28.76
N TRP A 279 39.21 20.77 29.11
CA TRP A 279 37.92 21.35 28.80
C TRP A 279 37.61 22.57 29.64
N THR A 280 38.04 22.55 30.90
CA THR A 280 37.69 23.62 31.83
C THR A 280 38.24 24.98 31.41
N GLY A 281 37.37 25.99 31.44
CA GLY A 281 37.69 27.33 31.00
C GLY A 281 36.99 27.68 29.70
N HIS A 282 36.67 26.64 28.90
CA HIS A 282 36.15 26.82 27.54
C HIS A 282 34.61 26.94 27.44
N ILE A 283 33.94 26.54 28.52
CA ILE A 283 32.48 26.54 28.59
C ILE A 283 31.93 27.96 28.64
N PRO A 284 30.91 28.26 27.80
CA PRO A 284 30.17 29.53 27.88
C PRO A 284 29.63 29.76 29.28
N GLY A 285 29.93 30.91 29.86
CA GLY A 285 29.52 31.23 31.22
C GLY A 285 28.10 30.81 31.54
N ASP A 286 27.16 31.19 30.68
CA ASP A 286 25.73 30.92 30.88
C ASP A 286 25.43 29.43 30.94
N VAL A 287 26.27 28.65 30.28
CA VAL A 287 26.15 27.21 30.30
C VAL A 287 26.67 26.70 31.64
N VAL A 288 27.86 27.20 32.03
CA VAL A 288 28.46 26.94 33.35
C VAL A 288 27.44 27.23 34.43
N ARG A 289 26.56 28.18 34.11
CA ARG A 289 25.55 28.69 35.00
C ARG A 289 24.39 27.68 35.07
N ASP A 290 23.83 27.35 33.91
CA ASP A 290 22.68 26.46 33.85
C ASP A 290 23.10 25.01 33.92
N MET A 291 24.33 24.79 34.37
CA MET A 291 24.94 23.48 34.30
C MET A 291 24.08 22.32 34.83
N ALA A 292 23.44 22.47 35.98
CA ALA A 292 22.70 21.34 36.58
C ALA A 292 21.27 21.13 36.01
N GLN A 293 20.75 22.14 35.30
CA GLN A 293 19.48 22.04 34.58
C GLN A 293 19.70 21.30 33.27
N ILE A 294 20.73 21.73 32.54
CA ILE A 294 21.09 21.13 31.24
C ILE A 294 21.56 19.67 31.41
N ALA A 295 22.26 19.38 32.51
CA ALA A 295 22.77 18.04 32.75
C ALA A 295 22.61 17.54 34.19
N PRO A 296 21.37 17.15 34.57
CA PRO A 296 21.14 16.58 35.90
C PRO A 296 21.81 15.22 36.07
N MET A 297 22.15 14.59 34.95
CA MET A 297 22.91 13.34 34.95
C MET A 297 24.27 13.49 35.60
N LEU A 298 24.99 14.55 35.23
CA LEU A 298 26.27 14.88 35.84
C LEU A 298 26.19 14.48 37.30
N ALA A 299 25.29 15.14 38.03
CA ALA A 299 25.13 14.91 39.46
C ALA A 299 24.90 13.44 39.82
N GLN A 300 23.97 12.79 39.13
CA GLN A 300 23.60 11.41 39.44
C GLN A 300 24.78 10.49 39.33
N LEU A 301 25.58 10.73 38.29
CA LEU A 301 26.77 9.93 38.03
C LEU A 301 27.91 10.30 38.97
N GLY A 302 27.67 11.30 39.82
CA GLY A 302 28.67 11.77 40.78
C GLY A 302 29.58 12.87 40.24
N TYR A 303 29.23 13.41 39.05
CA TYR A 303 29.95 14.56 38.49
C TYR A 303 29.32 15.84 39.03
N ASP A 304 30.06 16.55 39.87
CA ASP A 304 29.59 17.81 40.45
C ASP A 304 29.48 18.87 39.35
N PRO A 305 28.24 19.13 38.89
CA PRO A 305 28.02 20.03 37.75
C PRO A 305 28.65 21.42 37.92
N TYR A 306 28.82 21.83 39.18
CA TYR A 306 29.29 23.19 39.49
C TYR A 306 30.77 23.23 39.83
N ALA A 307 31.37 22.04 39.95
CA ALA A 307 32.82 21.94 40.09
C ALA A 307 33.38 22.20 38.72
N ASN A 308 34.40 23.06 38.65
CA ASN A 308 34.87 23.54 37.36
C ASN A 308 36.41 23.56 37.21
N PRO A 309 37.03 22.37 37.08
CA PRO A 309 36.50 21.01 37.05
C PRO A 309 36.23 20.47 38.47
N PRO A 310 35.75 19.21 38.61
CA PRO A 310 35.84 18.59 39.94
C PRO A 310 37.28 18.21 40.23
N ASN A 311 37.53 17.63 41.41
CA ASN A 311 38.80 16.94 41.59
C ASN A 311 38.58 15.47 41.30
N TYR A 312 39.14 15.01 40.19
CA TYR A 312 38.93 13.64 39.72
C TYR A 312 39.73 12.62 40.53
N GLY A 313 40.94 13.02 40.94
CA GLY A 313 41.80 12.17 41.76
C GLY A 313 43.27 12.48 41.58
N ASN A 314 44.12 11.52 41.97
CA ASN A 314 45.57 11.67 41.87
C ASN A 314 46.22 10.55 41.05
N PRO A 315 47.10 10.93 40.09
CA PRO A 315 47.68 9.99 39.13
C PRO A 315 48.65 8.93 39.70
N ASP A 316 48.63 7.71 39.14
CA ASP A 316 49.65 6.69 39.44
C ASP A 316 50.96 7.11 38.80
N PRO A 317 52.10 6.65 39.38
CA PRO A 317 53.40 7.02 38.82
C PRO A 317 53.44 6.60 37.36
N PHE A 318 52.92 5.40 37.11
CA PHE A 318 52.86 4.83 35.77
C PHE A 318 52.38 5.84 34.74
N VAL A 319 51.23 6.45 35.01
CA VAL A 319 50.57 7.35 34.07
C VAL A 319 51.37 8.63 33.88
N ILE A 320 51.80 9.20 35.00
CA ILE A 320 52.61 10.41 34.96
C ILE A 320 53.77 10.16 34.01
N ASN A 321 54.55 9.12 34.31
CA ASN A 321 55.69 8.77 33.49
C ASN A 321 55.33 8.60 32.03
N ASN A 322 54.19 7.98 31.77
CA ASN A 322 53.71 7.85 30.41
C ASN A 322 53.52 9.23 29.79
N THR A 323 52.81 10.10 30.51
CA THR A 323 52.47 11.43 30.03
C THR A 323 53.73 12.18 29.68
N GLN A 324 54.71 12.07 30.57
CA GLN A 324 56.00 12.68 30.34
C GLN A 324 56.53 12.19 29.00
N ARG A 325 56.59 10.86 28.86
CA ARG A 325 57.06 10.25 27.63
C ARG A 325 56.36 10.88 26.44
N VAL A 326 55.08 11.20 26.62
CA VAL A 326 54.28 11.74 25.53
C VAL A 326 54.77 13.12 25.13
N LEU A 327 55.08 13.94 26.11
CA LEU A 327 55.56 15.30 25.86
C LEU A 327 56.92 15.31 25.19
N LYS A 328 57.71 14.27 25.47
CA LYS A 328 59.04 14.12 24.90
C LYS A 328 59.03 13.70 23.42
N GLY A 329 57.90 13.17 22.95
CA GLY A 329 57.74 12.75 21.56
C GLY A 329 58.12 11.30 21.25
N ASP A 330 57.80 10.39 22.17
CA ASP A 330 58.00 8.95 21.97
C ASP A 330 56.90 8.39 21.07
N VAL B 39 13.97 -34.23 10.37
CA VAL B 39 15.09 -33.26 10.69
C VAL B 39 15.59 -32.60 9.41
N TYR B 40 15.26 -31.32 9.23
CA TYR B 40 15.70 -30.57 8.06
C TYR B 40 16.87 -29.65 8.39
N ARG B 41 17.93 -29.81 7.60
CA ARG B 41 19.09 -28.97 7.72
C ARG B 41 19.01 -27.82 6.74
N TYR B 42 19.89 -26.82 6.95
CA TYR B 42 19.94 -25.67 6.08
C TYR B 42 21.31 -25.02 6.10
N GLY B 43 21.65 -24.36 4.97
CA GLY B 43 22.95 -23.71 4.84
C GLY B 43 23.09 -22.96 3.54
N LYS B 44 24.01 -22.00 3.55
CA LYS B 44 24.37 -21.16 2.41
C LYS B 44 24.07 -21.72 1.02
N ALA B 45 24.36 -23.00 0.85
CA ALA B 45 24.48 -23.59 -0.48
C ALA B 45 23.27 -24.43 -0.88
N MET B 46 22.30 -24.55 0.02
CA MET B 46 21.14 -25.38 -0.27
C MET B 46 20.40 -24.85 -1.53
N PRO B 47 19.37 -25.62 -2.01
CA PRO B 47 18.67 -25.22 -3.21
C PRO B 47 17.48 -24.36 -2.87
N LEU B 48 17.61 -23.05 -3.18
CA LEU B 48 16.56 -22.11 -2.85
C LEU B 48 15.79 -21.71 -4.08
N ILE B 49 14.51 -21.42 -3.88
CA ILE B 49 13.69 -20.85 -4.93
C ILE B 49 13.36 -19.42 -4.58
N PHE B 50 13.72 -18.53 -5.51
CA PHE B 50 13.31 -17.16 -5.41
C PHE B 50 12.24 -16.92 -6.43
N VAL B 51 11.08 -16.50 -5.91
CA VAL B 51 10.01 -16.01 -6.75
C VAL B 51 10.03 -14.50 -6.64
N GLY B 52 9.71 -13.85 -7.76
CA GLY B 52 9.61 -12.41 -7.79
C GLY B 52 9.05 -11.86 -9.10
N GLY B 53 9.16 -10.54 -9.26
CA GLY B 53 8.60 -9.83 -10.40
C GLY B 53 7.73 -8.68 -9.94
N VAL B 54 7.33 -7.82 -10.88
CA VAL B 54 6.41 -6.70 -10.59
C VAL B 54 5.09 -7.25 -9.98
N PRO B 55 4.67 -6.72 -8.81
CA PRO B 55 3.42 -7.16 -8.15
C PRO B 55 2.24 -7.08 -9.11
N ARG B 56 1.17 -7.78 -8.75
CA ARG B 56 0.02 -7.98 -9.63
C ARG B 56 0.39 -8.78 -10.89
N SER B 57 1.46 -9.58 -10.80
CA SER B 57 1.89 -10.43 -11.91
C SER B 57 1.68 -11.92 -11.63
N GLY B 58 0.82 -12.24 -10.65
CA GLY B 58 0.48 -13.62 -10.31
C GLY B 58 1.58 -14.34 -9.53
N THR B 59 2.43 -13.58 -8.87
CA THR B 59 3.50 -14.15 -8.06
C THR B 59 2.92 -15.02 -6.92
N THR B 60 1.75 -14.63 -6.39
CA THR B 60 1.07 -15.36 -5.30
C THR B 60 0.60 -16.68 -5.82
N LEU B 61 -0.03 -16.66 -6.98
CA LEU B 61 -0.38 -17.90 -7.65
C LEU B 61 0.86 -18.77 -7.76
N MET B 62 1.91 -18.25 -8.41
CA MET B 62 3.12 -19.00 -8.67
C MET B 62 3.53 -19.71 -7.41
N ARG B 63 3.74 -18.93 -6.35
CA ARG B 63 4.22 -19.48 -5.11
C ARG B 63 3.20 -20.40 -4.44
N ALA B 64 1.93 -20.03 -4.53
CA ALA B 64 0.86 -20.81 -3.91
C ALA B 64 0.91 -22.23 -4.43
N MET B 65 1.09 -22.37 -5.74
CA MET B 65 1.20 -23.69 -6.35
C MET B 65 2.48 -24.41 -5.92
N LEU B 66 3.53 -23.65 -5.62
CA LEU B 66 4.78 -24.23 -5.21
C LEU B 66 4.66 -24.82 -3.81
N ASP B 67 4.03 -24.04 -2.90
CA ASP B 67 3.84 -24.45 -1.50
C ASP B 67 3.08 -25.75 -1.37
N ALA B 68 2.13 -25.93 -2.29
CA ALA B 68 1.28 -27.12 -2.37
C ALA B 68 2.11 -28.39 -2.46
N HIS B 69 3.21 -28.32 -3.21
CA HIS B 69 4.16 -29.42 -3.30
C HIS B 69 4.56 -29.86 -1.88
N PRO B 70 4.56 -31.18 -1.61
CA PRO B 70 4.90 -31.65 -0.27
C PRO B 70 6.36 -31.41 0.09
N GLU B 71 7.23 -31.41 -0.92
CA GLU B 71 8.67 -31.16 -0.74
C GLU B 71 9.04 -29.69 -0.55
N VAL B 72 8.12 -28.78 -0.92
CA VAL B 72 8.40 -27.34 -1.04
C VAL B 72 7.60 -26.45 -0.06
N ARG B 73 8.23 -25.34 0.37
CA ARG B 73 7.57 -24.26 1.12
C ARG B 73 8.14 -22.88 0.76
N CYS B 74 7.27 -22.00 0.29
CA CYS B 74 7.64 -20.60 0.04
C CYS B 74 7.19 -19.72 1.19
N GLY B 75 5.92 -19.88 1.57
CA GLY B 75 5.29 -19.04 2.59
C GLY B 75 4.89 -17.65 2.10
N GLU B 76 4.65 -16.77 3.06
CA GLU B 76 4.21 -15.40 2.79
C GLU B 76 5.35 -14.50 2.34
N GLU B 77 5.01 -13.27 1.96
CA GLU B 77 6.01 -12.23 1.76
C GLU B 77 6.54 -11.90 3.15
N THR B 78 7.85 -11.77 3.27
CA THR B 78 8.47 -11.50 4.56
C THR B 78 8.50 -10.01 4.81
N ARG B 79 8.72 -9.24 3.72
CA ARG B 79 8.79 -7.77 3.75
C ARG B 79 10.17 -7.22 4.21
N ILE B 80 10.85 -8.01 5.01
CA ILE B 80 12.08 -7.57 5.64
C ILE B 80 13.32 -7.78 4.76
N ILE B 81 13.33 -8.91 4.05
CA ILE B 81 14.50 -9.31 3.28
C ILE B 81 14.80 -8.23 2.26
N PRO B 82 13.82 -7.91 1.40
CA PRO B 82 14.16 -6.90 0.40
C PRO B 82 14.59 -5.62 1.11
N ARG B 83 14.01 -5.39 2.29
CA ARG B 83 14.26 -4.20 3.07
C ARG B 83 15.74 -4.06 3.37
N VAL B 84 16.30 -5.12 3.95
CA VAL B 84 17.69 -5.13 4.38
C VAL B 84 18.64 -5.07 3.20
N LEU B 85 18.23 -5.71 2.10
CA LEU B 85 19.00 -5.73 0.87
C LEU B 85 19.20 -4.31 0.39
N ALA B 86 18.10 -3.58 0.29
CA ALA B 86 18.12 -2.21 -0.19
C ALA B 86 19.16 -1.43 0.58
N MET B 87 19.20 -1.63 1.89
CA MET B 87 20.13 -0.92 2.76
C MET B 87 21.53 -1.34 2.45
N ARG B 88 21.73 -2.66 2.43
CA ARG B 88 23.01 -3.21 2.10
C ARG B 88 23.47 -2.60 0.77
N GLN B 89 22.54 -2.56 -0.19
CA GLN B 89 22.81 -1.93 -1.47
C GLN B 89 23.37 -0.53 -1.24
N ALA B 90 22.58 0.27 -0.52
CA ALA B 90 22.91 1.65 -0.24
C ALA B 90 24.33 1.79 0.29
N TRP B 91 24.67 0.99 1.28
CA TRP B 91 25.97 1.09 1.90
C TRP B 91 27.07 0.93 0.88
N SER B 92 26.94 -0.10 0.04
CA SER B 92 27.91 -0.30 -1.03
C SER B 92 27.71 0.76 -2.09
N LYS B 93 26.44 1.12 -2.33
CA LYS B 93 26.11 2.15 -3.30
C LYS B 93 26.63 3.52 -2.85
N SER B 94 27.14 3.59 -1.63
CA SER B 94 27.82 4.79 -1.16
C SER B 94 29.24 4.87 -1.73
N GLY B 95 29.85 6.05 -1.64
CA GLY B 95 31.25 6.24 -1.99
C GLY B 95 32.12 6.39 -0.76
N ARG B 96 31.60 7.12 0.23
CA ARG B 96 32.34 7.49 1.44
C ARG B 96 32.24 6.45 2.56
N GLU B 97 31.06 5.84 2.69
CA GLU B 97 30.82 4.83 3.73
C GLU B 97 31.55 3.50 3.42
N LYS B 98 31.66 3.15 2.14
CA LYS B 98 32.43 1.95 1.79
C LYS B 98 33.86 2.11 2.27
N LEU B 99 34.51 3.18 1.82
CA LEU B 99 35.87 3.49 2.26
C LEU B 99 35.94 3.27 3.75
N ARG B 100 35.04 3.93 4.46
CA ARG B 100 34.89 3.72 5.87
C ARG B 100 34.79 2.23 6.17
N LEU B 101 33.69 1.60 5.74
CA LEU B 101 33.39 0.23 6.15
C LEU B 101 34.53 -0.79 5.93
N ASP B 102 35.22 -0.70 4.80
CA ASP B 102 36.32 -1.63 4.50
C ASP B 102 37.42 -1.51 5.56
N GLU B 103 37.84 -0.26 5.79
CA GLU B 103 38.82 0.08 6.82
C GLU B 103 38.56 -0.56 8.18
N ALA B 104 37.29 -0.69 8.52
CA ALA B 104 36.87 -1.24 9.81
C ALA B 104 37.05 -2.74 9.83
N GLY B 105 37.45 -3.28 8.66
CA GLY B 105 37.49 -4.71 8.45
C GLY B 105 36.13 -5.26 8.03
N VAL B 106 35.18 -4.37 7.79
CA VAL B 106 33.84 -4.77 7.35
C VAL B 106 33.80 -4.69 5.83
N THR B 107 34.21 -5.79 5.18
CA THR B 107 34.29 -5.86 3.72
C THR B 107 33.06 -6.53 3.12
N ASP B 108 32.98 -6.47 1.80
CA ASP B 108 31.93 -7.16 1.06
C ASP B 108 31.67 -8.54 1.64
N GLU B 109 32.74 -9.35 1.69
CA GLU B 109 32.66 -10.72 2.17
C GLU B 109 31.87 -10.82 3.47
N VAL B 110 32.28 -10.05 4.47
CA VAL B 110 31.62 -10.06 5.76
C VAL B 110 30.17 -9.72 5.54
N LEU B 111 29.93 -8.55 4.93
CA LEU B 111 28.58 -8.10 4.64
C LEU B 111 27.81 -9.27 4.10
N ASP B 112 28.32 -9.79 3.00
CA ASP B 112 27.68 -10.89 2.35
C ASP B 112 27.46 -11.99 3.36
N ALA B 113 28.52 -12.35 4.10
CA ALA B 113 28.43 -13.40 5.11
C ALA B 113 27.25 -13.12 6.02
N ALA B 114 27.12 -11.87 6.44
CA ALA B 114 26.06 -11.50 7.35
C ALA B 114 24.74 -11.63 6.63
N MET B 115 24.68 -11.04 5.44
CA MET B 115 23.47 -11.08 4.63
C MET B 115 22.94 -12.50 4.60
N GLN B 116 23.80 -13.41 4.16
CA GLN B 116 23.48 -14.82 4.12
C GLN B 116 22.81 -15.27 5.41
N ALA B 117 23.62 -15.28 6.48
CA ALA B 117 23.20 -15.75 7.78
C ALA B 117 21.84 -15.18 8.10
N PHE B 118 21.71 -13.88 7.90
CA PHE B 118 20.47 -13.16 8.12
C PHE B 118 19.36 -13.77 7.28
N ILE B 119 19.43 -13.57 5.96
CA ILE B 119 18.35 -13.98 5.08
C ILE B 119 17.98 -15.42 5.37
N LEU B 120 18.99 -16.26 5.52
CA LEU B 120 18.77 -17.66 5.77
C LEU B 120 17.77 -17.87 6.88
N GLU B 121 18.12 -17.37 8.07
CA GLU B 121 17.30 -17.56 9.23
C GLU B 121 15.85 -17.27 8.96
N VAL B 122 15.60 -16.07 8.43
CA VAL B 122 14.24 -15.66 8.10
C VAL B 122 13.59 -16.81 7.33
N ILE B 123 14.19 -17.14 6.20
CA ILE B 123 13.62 -18.12 5.31
C ILE B 123 13.42 -19.46 6.00
N ALA B 124 14.36 -19.80 6.87
CA ALA B 124 14.29 -21.08 7.56
C ALA B 124 13.20 -21.13 8.60
N LYS B 125 12.91 -19.97 9.21
CA LYS B 125 12.10 -19.97 10.41
C LYS B 125 10.68 -19.50 10.21
N HIS B 126 10.48 -18.60 9.25
CA HIS B 126 9.19 -17.91 9.08
C HIS B 126 7.96 -18.80 8.81
N GLY B 127 8.20 -20.00 8.26
CA GLY B 127 7.11 -20.91 7.92
C GLY B 127 7.33 -22.32 8.44
N GLU B 128 6.62 -23.29 7.81
CA GLU B 128 6.83 -24.69 8.09
C GLU B 128 8.16 -25.17 7.51
N PRO B 129 8.81 -26.14 8.17
CA PRO B 129 10.01 -26.72 7.57
C PRO B 129 9.70 -27.49 6.28
N ALA B 130 10.64 -27.44 5.33
CA ALA B 130 10.51 -28.12 4.04
C ALA B 130 11.88 -28.59 3.55
N ARG B 131 11.88 -29.56 2.62
CA ARG B 131 13.12 -30.03 2.00
C ARG B 131 13.72 -28.98 1.06
N VAL B 132 12.86 -28.38 0.23
CA VAL B 132 13.28 -27.25 -0.59
C VAL B 132 12.60 -26.02 -0.05
N LEU B 133 13.37 -24.99 0.22
CA LEU B 133 12.77 -23.78 0.68
C LEU B 133 12.73 -22.73 -0.41
N CYS B 134 11.63 -21.98 -0.41
CA CYS B 134 11.43 -20.92 -1.36
C CYS B 134 10.90 -19.68 -0.65
N ASN B 135 11.05 -18.54 -1.32
CA ASN B 135 10.56 -17.26 -0.78
C ASN B 135 9.90 -16.45 -1.88
N LYS B 136 8.97 -15.60 -1.48
CA LYS B 136 8.31 -14.72 -2.43
C LYS B 136 8.16 -13.30 -1.90
N ASP B 137 8.97 -12.39 -2.43
CA ASP B 137 8.88 -10.94 -2.16
C ASP B 137 9.21 -10.16 -3.42
N PRO B 138 8.17 -9.60 -4.09
CA PRO B 138 8.28 -9.12 -5.48
C PRO B 138 9.66 -8.59 -5.87
N PHE B 139 10.09 -7.53 -5.20
CA PHE B 139 11.30 -6.78 -5.62
C PHE B 139 12.62 -7.50 -5.39
N THR B 140 12.58 -8.61 -4.63
CA THR B 140 13.78 -9.43 -4.44
C THR B 140 14.51 -9.58 -5.77
N LEU B 141 13.77 -9.96 -6.80
CA LEU B 141 14.35 -10.21 -8.12
C LEU B 141 15.07 -9.01 -8.77
N LYS B 142 15.07 -7.87 -8.07
CA LYS B 142 15.84 -6.70 -8.52
C LYS B 142 17.33 -6.89 -8.27
N SER B 143 17.66 -7.81 -7.37
CA SER B 143 19.04 -8.04 -6.92
C SER B 143 19.52 -9.50 -7.09
N SER B 144 18.84 -10.25 -7.96
CA SER B 144 19.15 -11.67 -8.17
C SER B 144 20.64 -11.92 -8.46
N VAL B 145 21.26 -11.01 -9.22
CA VAL B 145 22.69 -11.08 -9.52
C VAL B 145 23.44 -11.31 -8.22
N TYR B 146 23.16 -10.46 -7.25
CA TYR B 146 23.78 -10.52 -5.95
C TYR B 146 23.27 -11.74 -5.16
N LEU B 147 21.97 -12.02 -5.25
CA LEU B 147 21.37 -13.16 -4.56
C LEU B 147 22.03 -14.47 -4.94
N SER B 148 22.25 -14.63 -6.24
CA SER B 148 22.86 -15.84 -6.78
C SER B 148 24.29 -15.99 -6.30
N ARG B 149 24.99 -14.87 -6.15
CA ARG B 149 26.32 -14.88 -5.55
C ARG B 149 26.25 -15.35 -4.10
N LEU B 150 25.16 -14.98 -3.41
CA LEU B 150 24.99 -15.38 -2.02
C LEU B 150 24.57 -16.84 -1.88
N PHE B 151 23.75 -17.32 -2.79
CA PHE B 151 23.27 -18.70 -2.68
C PHE B 151 23.50 -19.45 -3.97
N PRO B 152 24.69 -20.07 -4.07
CA PRO B 152 25.21 -20.56 -5.35
C PRO B 152 24.34 -21.64 -5.98
N ASN B 153 23.35 -22.14 -5.23
CA ASN B 153 22.46 -23.15 -5.76
C ASN B 153 21.00 -22.74 -5.72
N SER B 154 20.79 -21.44 -5.57
CA SER B 154 19.46 -20.87 -5.61
C SER B 154 18.99 -20.73 -7.03
N LYS B 155 17.69 -20.90 -7.23
CA LYS B 155 17.04 -20.69 -8.51
C LYS B 155 16.06 -19.52 -8.45
N PHE B 156 15.78 -18.94 -9.61
CA PHE B 156 14.95 -17.74 -9.72
C PHE B 156 13.84 -17.86 -10.80
N LEU B 157 12.60 -17.61 -10.39
CA LEU B 157 11.46 -17.54 -11.31
C LEU B 157 10.98 -16.08 -11.47
N LEU B 158 11.19 -15.52 -12.66
CA LEU B 158 10.74 -14.16 -12.97
C LEU B 158 9.35 -14.18 -13.62
N MET B 159 8.31 -13.93 -12.80
CA MET B 159 6.93 -13.84 -13.30
C MET B 159 6.76 -12.66 -14.27
N VAL B 160 6.33 -12.96 -15.49
CA VAL B 160 6.14 -11.93 -16.52
C VAL B 160 4.67 -11.85 -17.00
N ARG B 161 3.96 -10.82 -16.49
CA ARG B 161 2.58 -10.55 -16.90
C ARG B 161 2.53 -9.24 -17.66
N ASP B 162 1.81 -9.27 -18.80
CA ASP B 162 1.60 -8.06 -19.59
C ASP B 162 1.31 -6.91 -18.62
N GLY B 163 2.07 -5.83 -18.79
CA GLY B 163 1.99 -4.66 -17.91
C GLY B 163 0.66 -3.94 -17.88
N ARG B 164 -0.09 -4.03 -18.97
CA ARG B 164 -1.43 -3.46 -19.02
C ARG B 164 -2.41 -4.12 -18.02
N ALA B 165 -2.22 -5.42 -17.75
CA ALA B 165 -3.07 -6.17 -16.80
C ALA B 165 -2.65 -6.00 -15.34
N SER B 166 -1.34 -5.81 -15.13
CA SER B 166 -0.78 -5.49 -13.81
C SER B 166 -1.12 -4.02 -13.39
N VAL B 167 -0.85 -3.05 -14.29
CA VAL B 167 -1.02 -1.61 -14.02
C VAL B 167 -2.49 -1.29 -13.75
N HIS B 168 -3.36 -1.96 -14.50
CA HIS B 168 -4.79 -1.95 -14.22
C HIS B 168 -5.14 -2.60 -12.89
N SER B 169 -4.66 -3.83 -12.68
CA SER B 169 -4.87 -4.53 -11.43
C SER B 169 -4.51 -3.61 -10.29
N MET B 170 -3.29 -3.07 -10.33
CA MET B 170 -2.74 -2.20 -9.26
C MET B 170 -3.47 -0.85 -9.10
N ILE B 171 -3.99 -0.31 -10.20
CA ILE B 171 -4.74 0.95 -10.18
C ILE B 171 -6.14 0.75 -9.58
N THR B 172 -6.83 -0.30 -10.05
CA THR B 172 -8.20 -0.60 -9.62
C THR B 172 -8.32 -1.13 -8.18
N ARG B 173 -7.39 -2.01 -7.79
CA ARG B 173 -7.44 -2.62 -6.46
C ARG B 173 -7.02 -1.65 -5.35
N ILE B 177 2.78 0.66 -3.91
CA ILE B 177 4.14 0.13 -4.04
C ILE B 177 5.18 1.26 -4.00
N ALA B 178 6.39 0.92 -3.51
CA ALA B 178 7.55 1.83 -3.44
C ALA B 178 8.15 2.17 -4.82
N GLY B 179 7.78 3.34 -5.33
CA GLY B 179 8.19 3.79 -6.65
C GLY B 179 7.05 4.28 -7.53
N PHE B 180 5.85 3.71 -7.33
CA PHE B 180 4.68 3.91 -8.24
C PHE B 180 3.69 5.07 -7.85
N ASP B 181 2.96 5.63 -8.83
CA ASP B 181 2.01 6.78 -8.63
C ASP B 181 0.51 6.40 -8.78
N LEU B 182 -0.32 6.86 -7.82
CA LEU B 182 -1.73 6.41 -7.65
C LEU B 182 -2.80 7.06 -8.56
N SER B 183 -2.40 8.00 -9.42
CA SER B 183 -3.38 8.74 -10.27
C SER B 183 -3.08 8.86 -11.78
N SER B 184 -2.11 8.08 -12.26
CA SER B 184 -1.79 8.05 -13.70
C SER B 184 -1.50 6.64 -14.24
N TYR B 185 -2.16 6.29 -15.35
CA TYR B 185 -1.84 5.06 -16.09
C TYR B 185 -0.51 5.23 -16.81
N ARG B 186 -0.33 6.38 -17.45
CA ARG B 186 0.95 6.78 -18.03
C ARG B 186 2.16 6.59 -17.09
N ASP B 187 2.03 7.08 -15.85
CA ASP B 187 3.10 6.91 -14.84
C ASP B 187 3.28 5.45 -14.40
N CYS B 188 2.17 4.74 -14.15
CA CYS B 188 2.18 3.34 -13.67
C CYS B 188 2.90 2.38 -14.62
N LEU B 189 2.64 2.57 -15.91
CA LEU B 189 3.27 1.79 -16.96
C LEU B 189 4.76 2.08 -17.14
N THR B 190 5.10 3.34 -17.44
CA THR B 190 6.51 3.78 -17.51
C THR B 190 7.34 3.14 -16.38
N LYS B 191 6.70 3.05 -15.20
CA LYS B 191 7.32 2.55 -13.98
C LYS B 191 7.39 1.03 -14.00
N TRP B 192 6.26 0.38 -14.28
CA TRP B 192 6.23 -1.06 -14.56
C TRP B 192 7.38 -1.38 -15.51
N ASN B 193 7.47 -0.55 -16.57
CA ASN B 193 8.48 -0.63 -17.60
C ASN B 193 9.91 -0.60 -17.06
N LYS B 194 10.29 0.49 -16.40
CA LYS B 194 11.62 0.60 -15.85
C LYS B 194 11.93 -0.61 -14.94
N ALA B 195 10.96 -0.96 -14.07
CA ALA B 195 11.10 -2.06 -13.10
C ALA B 195 11.34 -3.44 -13.71
N ILE B 196 10.50 -3.79 -14.70
CA ILE B 196 10.62 -5.06 -15.39
C ILE B 196 11.85 -5.09 -16.31
N GLU B 197 12.28 -3.92 -16.80
CA GLU B 197 13.48 -3.81 -17.63
C GLU B 197 14.75 -4.19 -16.85
N VAL B 198 14.76 -3.91 -15.55
CA VAL B 198 15.89 -4.23 -14.69
C VAL B 198 15.93 -5.70 -14.29
N MET B 199 14.82 -6.22 -13.76
CA MET B 199 14.72 -7.62 -13.33
C MET B 199 15.06 -8.64 -14.41
N TYR B 200 14.76 -8.28 -15.65
CA TYR B 200 15.04 -9.12 -16.81
C TYR B 200 16.53 -9.11 -17.16
N ALA B 201 17.14 -7.91 -17.24
CA ALA B 201 18.59 -7.80 -17.48
C ALA B 201 19.38 -8.57 -16.43
N GLN B 202 18.93 -8.45 -15.18
CA GLN B 202 19.38 -9.28 -14.07
C GLN B 202 19.20 -10.76 -14.43
N CYS B 203 17.95 -11.19 -14.62
CA CYS B 203 17.65 -12.56 -15.00
C CYS B 203 18.48 -13.05 -16.18
N MET B 204 18.85 -12.13 -17.06
CA MET B 204 19.60 -12.46 -18.29
C MET B 204 21.10 -12.63 -18.05
N GLU B 205 21.66 -11.73 -17.25
CA GLU B 205 23.06 -11.85 -16.86
C GLU B 205 23.21 -13.10 -15.99
N VAL B 206 22.21 -13.33 -15.13
CA VAL B 206 22.12 -14.51 -14.28
C VAL B 206 22.38 -15.79 -15.06
N GLY B 207 21.65 -15.99 -16.16
CA GLY B 207 21.83 -17.16 -17.01
C GLY B 207 20.60 -18.05 -17.02
N LYS B 208 20.25 -18.53 -18.22
CA LYS B 208 19.05 -19.33 -18.43
C LYS B 208 18.95 -20.41 -17.37
N GLU B 209 20.13 -20.87 -16.95
CA GLU B 209 20.30 -22.02 -16.09
C GLU B 209 19.85 -21.73 -14.66
N LYS B 210 20.03 -20.48 -14.25
CA LYS B 210 19.65 -20.06 -12.91
C LYS B 210 18.33 -19.31 -12.92
N CYS B 211 18.04 -18.61 -14.02
CA CYS B 211 16.84 -17.78 -14.08
C CYS B 211 15.91 -18.13 -15.24
N LEU B 212 14.62 -18.29 -14.90
CA LEU B 212 13.58 -18.72 -15.84
C LEU B 212 12.41 -17.73 -15.84
N PRO B 213 12.25 -16.98 -16.95
CA PRO B 213 11.04 -16.16 -17.15
C PRO B 213 9.78 -17.03 -17.22
N VAL B 214 8.79 -16.75 -16.36
CA VAL B 214 7.57 -17.55 -16.29
C VAL B 214 6.34 -16.68 -16.65
N TYR B 215 5.76 -16.96 -17.82
CA TYR B 215 4.67 -16.17 -18.40
C TYR B 215 3.30 -16.49 -17.81
N TYR B 216 2.76 -15.48 -17.13
CA TYR B 216 1.48 -15.54 -16.38
C TYR B 216 0.35 -16.14 -17.22
N GLU B 217 0.18 -15.57 -18.40
CA GLU B 217 -0.85 -15.99 -19.32
C GLU B 217 -0.62 -17.42 -19.79
N GLN B 218 0.63 -17.79 -20.00
CA GLN B 218 0.97 -19.18 -20.35
C GLN B 218 0.66 -20.13 -19.20
N LEU B 219 1.02 -19.71 -18.00
CA LEU B 219 0.81 -20.48 -16.77
C LEU B 219 -0.68 -20.72 -16.54
N VAL B 220 -1.45 -19.62 -16.54
CA VAL B 220 -2.88 -19.69 -16.31
C VAL B 220 -3.56 -20.52 -17.41
N LEU B 221 -3.20 -20.25 -18.67
CA LEU B 221 -3.71 -21.04 -19.82
C LEU B 221 -3.31 -22.51 -19.74
N HIS B 222 -2.01 -22.74 -19.57
CA HIS B 222 -1.46 -24.09 -19.62
C HIS B 222 -0.76 -24.40 -18.29
N PRO B 223 -1.56 -24.75 -17.25
CA PRO B 223 -0.97 -24.95 -15.92
C PRO B 223 -0.13 -26.23 -15.82
N ARG B 224 -0.58 -27.29 -16.47
CA ARG B 224 0.15 -28.56 -16.47
C ARG B 224 1.46 -28.49 -17.27
N ARG B 225 1.43 -27.72 -18.39
CA ARG B 225 2.59 -27.54 -19.26
CA ARG B 225 2.60 -27.54 -19.26
C ARG B 225 3.67 -26.70 -18.57
N SER B 226 3.27 -25.53 -18.07
CA SER B 226 4.19 -24.62 -17.35
C SER B 226 4.86 -25.27 -16.14
N LEU B 227 4.06 -25.88 -15.26
CA LEU B 227 4.55 -26.59 -14.07
C LEU B 227 5.46 -27.78 -14.35
N LYS B 228 5.21 -28.46 -15.47
CA LYS B 228 6.13 -29.48 -15.90
C LYS B 228 7.48 -28.83 -16.23
N LEU B 229 7.46 -27.77 -17.04
CA LEU B 229 8.70 -27.09 -17.49
C LEU B 229 9.47 -26.40 -16.38
N ILE B 230 8.73 -26.06 -15.31
CA ILE B 230 9.30 -25.37 -14.15
C ILE B 230 9.99 -26.34 -13.16
N LEU B 231 9.27 -27.37 -12.69
CA LEU B 231 9.85 -28.43 -11.84
C LEU B 231 11.11 -29.03 -12.47
N ASP B 232 11.02 -29.21 -13.78
CA ASP B 232 12.13 -29.59 -14.64
C ASP B 232 13.33 -28.65 -14.42
N PHE B 233 13.19 -27.39 -14.84
CA PHE B 233 14.23 -26.38 -14.66
C PHE B 233 14.74 -26.31 -13.22
N LEU B 234 13.83 -26.55 -12.27
CA LEU B 234 14.22 -26.59 -10.86
C LEU B 234 14.85 -27.91 -10.50
N GLY B 235 14.57 -28.94 -11.29
CA GLY B 235 15.08 -30.29 -11.00
C GLY B 235 14.31 -30.88 -9.83
N ILE B 236 13.05 -30.50 -9.70
CA ILE B 236 12.19 -31.05 -8.66
C ILE B 236 11.24 -32.07 -9.27
N ALA B 237 11.10 -33.19 -8.58
CA ALA B 237 10.20 -34.27 -8.97
C ALA B 237 8.77 -33.75 -9.09
N TRP B 238 8.07 -34.18 -10.14
CA TRP B 238 6.67 -33.80 -10.30
C TRP B 238 5.80 -34.46 -9.23
N SER B 239 4.90 -33.63 -8.66
CA SER B 239 3.83 -34.12 -7.82
C SER B 239 2.53 -33.53 -8.33
N ASP B 240 1.45 -34.31 -8.21
CA ASP B 240 0.17 -33.88 -8.72
C ASP B 240 -0.48 -32.77 -7.88
N ALA B 241 -0.10 -32.68 -6.60
CA ALA B 241 -0.64 -31.65 -5.71
C ALA B 241 -0.54 -30.22 -6.27
N VAL B 242 0.46 -30.00 -7.12
CA VAL B 242 0.69 -28.72 -7.83
C VAL B 242 -0.53 -28.05 -8.49
N LEU B 243 -1.34 -28.85 -9.20
CA LEU B 243 -2.47 -28.33 -9.95
C LEU B 243 -3.70 -28.17 -9.06
N HIS B 244 -3.63 -28.77 -7.86
CA HIS B 244 -4.74 -28.77 -6.90
C HIS B 244 -4.45 -27.90 -5.66
N HIS B 245 -3.88 -26.72 -5.90
CA HIS B 245 -3.39 -25.83 -4.84
C HIS B 245 -4.50 -25.31 -3.93
N GLU B 246 -5.66 -25.06 -4.54
CA GLU B 246 -6.84 -24.56 -3.82
C GLU B 246 -7.26 -25.47 -2.65
N ASP B 247 -6.99 -26.76 -2.77
CA ASP B 247 -7.40 -27.74 -1.76
C ASP B 247 -6.45 -27.83 -0.57
N LEU B 248 -5.33 -27.11 -0.62
CA LEU B 248 -4.25 -27.25 0.37
C LEU B 248 -3.89 -25.99 1.20
N ILE B 249 -4.74 -24.95 1.13
CA ILE B 249 -4.53 -23.71 1.90
C ILE B 249 -4.77 -23.95 3.39
N GLY B 250 -3.80 -23.52 4.21
CA GLY B 250 -3.83 -23.73 5.66
C GLY B 250 -3.53 -25.16 6.07
N LYS B 251 -3.35 -26.05 5.08
CA LYS B 251 -3.07 -27.46 5.32
C LYS B 251 -1.56 -27.71 5.38
N PRO B 252 -1.11 -28.58 6.35
CA PRO B 252 0.31 -28.95 6.56
C PRO B 252 1.07 -29.48 5.32
N GLY B 253 2.29 -28.96 5.11
CA GLY B 253 3.14 -29.31 3.95
C GLY B 253 2.81 -28.53 2.68
N GLY B 254 1.75 -27.71 2.79
CA GLY B 254 1.18 -26.98 1.65
C GLY B 254 1.18 -25.44 1.82
N VAL B 255 0.05 -24.82 1.46
CA VAL B 255 -0.04 -23.36 1.23
C VAL B 255 -0.45 -22.52 2.44
N SER B 256 0.52 -21.77 2.97
CA SER B 256 0.29 -20.85 4.07
C SER B 256 0.09 -19.43 3.53
N LEU B 257 -1.00 -18.79 3.96
CA LEU B 257 -1.34 -17.44 3.46
C LEU B 257 -1.49 -16.40 4.59
N SER B 258 -1.22 -15.13 4.24
CA SER B 258 -1.54 -13.98 5.09
C SER B 258 -2.96 -13.49 4.73
N LYS B 259 -3.77 -13.18 5.75
CA LYS B 259 -5.15 -12.72 5.53
C LYS B 259 -5.25 -11.23 5.15
N ILE B 260 -4.10 -10.54 5.14
CA ILE B 260 -4.02 -9.11 4.78
C ILE B 260 -3.15 -8.77 3.53
N GLU B 261 -2.57 -9.79 2.89
CA GLU B 261 -1.99 -9.66 1.53
C GLU B 261 -3.08 -9.40 0.47
N ARG B 262 -2.73 -8.63 -0.56
CA ARG B 262 -3.71 -8.11 -1.53
C ARG B 262 -4.15 -9.14 -2.57
N VAL B 267 -6.26 -16.08 -5.54
CA VAL B 267 -5.37 -17.20 -5.11
C VAL B 267 -6.14 -18.35 -4.42
N ILE B 268 -7.14 -17.99 -3.61
CA ILE B 268 -8.00 -18.98 -2.91
C ILE B 268 -8.71 -19.94 -3.88
N LYS B 269 -9.00 -19.45 -5.09
CA LYS B 269 -9.62 -20.26 -6.15
C LYS B 269 -8.55 -21.00 -7.00
N PRO B 270 -8.93 -22.12 -7.67
CA PRO B 270 -8.00 -22.79 -8.61
C PRO B 270 -7.66 -21.91 -9.81
N VAL B 271 -6.72 -22.38 -10.63
CA VAL B 271 -6.32 -21.70 -11.87
C VAL B 271 -7.54 -21.27 -12.73
N ASN B 272 -7.95 -19.99 -12.63
CA ASN B 272 -9.09 -19.44 -13.45
C ASN B 272 -8.72 -18.37 -14.51
N LEU B 273 -9.51 -18.30 -15.60
CA LEU B 273 -9.21 -17.46 -16.77
C LEU B 273 -9.57 -15.97 -16.63
N GLU B 274 -10.18 -15.62 -15.47
CA GLU B 274 -10.92 -14.36 -15.32
C GLU B 274 -10.09 -13.07 -15.38
N ALA B 275 -8.84 -13.14 -14.89
CA ALA B 275 -7.99 -11.96 -14.78
C ALA B 275 -7.21 -11.60 -16.07
N LEU B 276 -7.29 -12.48 -17.08
CA LEU B 276 -6.44 -12.40 -18.30
C LEU B 276 -6.53 -11.13 -19.15
N SER B 277 -7.72 -10.85 -19.66
CA SER B 277 -7.93 -9.73 -20.59
C SER B 277 -8.87 -8.64 -20.06
N LYS B 278 -9.16 -8.66 -18.76
CA LYS B 278 -10.19 -7.77 -18.21
C LYS B 278 -9.75 -6.30 -18.27
N TRP B 279 -8.43 -6.12 -18.39
CA TRP B 279 -7.77 -4.81 -18.47
C TRP B 279 -8.19 -4.01 -19.72
N THR B 280 -8.44 -4.71 -20.83
CA THR B 280 -8.68 -4.08 -22.12
C THR B 280 -10.02 -3.31 -22.16
N GLY B 281 -9.96 -2.08 -22.65
CA GLY B 281 -11.11 -1.17 -22.69
C GLY B 281 -11.02 -0.05 -21.68
N HIS B 282 -10.30 -0.30 -20.59
CA HIS B 282 -10.26 0.65 -19.49
C HIS B 282 -9.04 1.58 -19.57
N ILE B 283 -8.27 1.43 -20.64
CA ILE B 283 -7.06 2.23 -20.84
C ILE B 283 -7.42 3.56 -21.52
N PRO B 284 -7.00 4.70 -20.91
CA PRO B 284 -7.18 6.00 -21.55
C PRO B 284 -6.62 5.94 -22.96
N GLY B 285 -7.48 6.18 -23.96
CA GLY B 285 -7.11 6.15 -25.39
C GLY B 285 -5.73 6.71 -25.70
N ASP B 286 -5.36 7.83 -25.07
CA ASP B 286 -4.05 8.46 -25.27
C ASP B 286 -2.86 7.57 -24.87
N VAL B 287 -3.02 6.85 -23.75
CA VAL B 287 -1.99 5.92 -23.26
C VAL B 287 -1.93 4.68 -24.16
N VAL B 288 -3.09 4.31 -24.75
CA VAL B 288 -3.19 3.24 -25.76
C VAL B 288 -2.55 3.66 -27.11
N ARG B 289 -2.46 4.97 -27.31
CA ARG B 289 -1.88 5.57 -28.51
C ARG B 289 -0.35 5.62 -28.42
N ASP B 290 0.13 6.06 -27.26
CA ASP B 290 1.56 6.18 -27.00
C ASP B 290 2.19 4.86 -26.49
N MET B 291 1.45 3.75 -26.61
CA MET B 291 1.81 2.50 -25.91
C MET B 291 3.27 2.09 -26.08
N ALA B 292 3.75 2.10 -27.32
CA ALA B 292 5.09 1.61 -27.64
C ALA B 292 6.26 2.45 -27.09
N GLN B 293 6.01 3.73 -26.80
CA GLN B 293 7.03 4.59 -26.20
C GLN B 293 7.06 4.42 -24.69
N ILE B 294 5.87 4.33 -24.08
CA ILE B 294 5.70 4.20 -22.60
C ILE B 294 6.27 2.88 -22.09
N ALA B 295 6.06 1.81 -22.86
CA ALA B 295 6.62 0.49 -22.57
C ALA B 295 7.19 -0.22 -23.83
N PRO B 296 8.46 0.10 -24.22
CA PRO B 296 9.10 -0.67 -25.32
C PRO B 296 9.35 -2.12 -24.90
N MET B 297 9.29 -2.36 -23.59
CA MET B 297 9.49 -3.67 -22.97
C MET B 297 8.44 -4.72 -23.35
N LEU B 298 7.16 -4.33 -23.34
CA LEU B 298 6.13 -5.24 -23.81
C LEU B 298 6.61 -5.92 -25.10
N ALA B 299 7.02 -5.09 -26.08
CA ALA B 299 7.46 -5.53 -27.42
C ALA B 299 8.55 -6.60 -27.39
N GLN B 300 9.65 -6.33 -26.66
CA GLN B 300 10.77 -7.26 -26.57
C GLN B 300 10.44 -8.51 -25.73
N LEU B 301 9.56 -8.37 -24.72
CA LEU B 301 9.07 -9.49 -23.90
C LEU B 301 8.20 -10.45 -24.71
N GLY B 302 7.73 -9.98 -25.85
CA GLY B 302 6.82 -10.73 -26.70
C GLY B 302 5.39 -10.24 -26.64
N TYR B 303 5.17 -9.10 -26.00
CA TYR B 303 3.85 -8.50 -25.95
C TYR B 303 3.68 -7.43 -27.02
N ASP B 304 2.67 -7.60 -27.87
CA ASP B 304 2.29 -6.62 -28.89
C ASP B 304 1.63 -5.38 -28.25
N PRO B 305 2.35 -4.22 -28.29
CA PRO B 305 1.87 -2.96 -27.66
C PRO B 305 0.65 -2.41 -28.37
N TYR B 306 0.43 -2.91 -29.60
CA TYR B 306 -0.62 -2.45 -30.49
C TYR B 306 -1.80 -3.44 -30.60
N ALA B 307 -1.59 -4.69 -30.20
CA ALA B 307 -2.71 -5.61 -30.05
C ALA B 307 -3.43 -5.29 -28.74
N ASN B 308 -4.75 -5.06 -28.83
CA ASN B 308 -5.57 -4.70 -27.65
C ASN B 308 -6.80 -5.61 -27.40
N PRO B 309 -6.59 -6.81 -26.81
CA PRO B 309 -5.30 -7.38 -26.36
C PRO B 309 -4.51 -8.08 -27.47
N PRO B 310 -3.26 -8.53 -27.18
CA PRO B 310 -2.72 -9.59 -28.05
C PRO B 310 -3.59 -10.84 -27.88
N ASN B 311 -3.48 -11.79 -28.81
CA ASN B 311 -4.11 -13.10 -28.60
C ASN B 311 -3.17 -14.04 -27.86
N TYR B 312 -3.46 -14.20 -26.57
CA TYR B 312 -2.58 -14.89 -25.64
C TYR B 312 -2.48 -16.40 -25.93
N GLY B 313 -3.59 -17.01 -26.35
CA GLY B 313 -3.64 -18.44 -26.63
C GLY B 313 -4.96 -19.06 -26.20
N ASN B 314 -5.01 -20.40 -26.20
CA ASN B 314 -6.25 -21.16 -25.95
C ASN B 314 -6.21 -22.05 -24.69
N PRO B 315 -7.24 -21.92 -23.82
CA PRO B 315 -7.20 -22.62 -22.52
C PRO B 315 -7.26 -24.14 -22.61
N ASP B 316 -6.61 -24.78 -21.64
CA ASP B 316 -6.75 -26.21 -21.37
C ASP B 316 -8.19 -26.46 -20.95
N PRO B 317 -8.77 -27.62 -21.36
CA PRO B 317 -10.07 -28.03 -20.81
C PRO B 317 -10.06 -28.01 -19.28
N PHE B 318 -8.88 -28.23 -18.68
CA PHE B 318 -8.68 -28.18 -17.22
C PHE B 318 -8.90 -26.77 -16.60
N VAL B 319 -8.45 -25.73 -17.29
CA VAL B 319 -8.57 -24.33 -16.80
C VAL B 319 -9.99 -23.74 -16.99
N ILE B 320 -10.65 -24.17 -18.08
CA ILE B 320 -12.06 -23.83 -18.36
C ILE B 320 -13.03 -24.39 -17.30
N ASN B 321 -12.93 -25.70 -17.01
CA ASN B 321 -13.70 -26.39 -15.95
C ASN B 321 -13.41 -25.83 -14.56
N ASN B 322 -12.18 -25.30 -14.39
CA ASN B 322 -11.84 -24.52 -13.21
C ASN B 322 -12.50 -23.13 -13.17
N THR B 323 -12.55 -22.46 -14.34
CA THR B 323 -13.22 -21.15 -14.47
C THR B 323 -14.72 -21.29 -14.17
N GLN B 324 -15.28 -22.44 -14.61
CA GLN B 324 -16.70 -22.83 -14.44
C GLN B 324 -17.15 -23.17 -13.00
N ARG B 325 -16.33 -23.93 -12.24
CA ARG B 325 -16.59 -24.22 -10.80
C ARG B 325 -16.55 -22.95 -9.92
N VAL B 326 -15.68 -22.00 -10.30
CA VAL B 326 -15.51 -20.70 -9.62
C VAL B 326 -16.71 -19.73 -9.86
N LEU B 327 -17.21 -19.66 -11.09
CA LEU B 327 -18.45 -18.92 -11.41
C LEU B 327 -19.70 -19.55 -10.74
N LYS B 328 -19.62 -20.85 -10.44
CA LYS B 328 -20.71 -21.60 -9.76
C LYS B 328 -20.68 -21.44 -8.23
N GLY B 329 -19.50 -21.11 -7.67
CA GLY B 329 -19.37 -20.84 -6.24
C GLY B 329 -18.76 -21.97 -5.43
N ASP B 330 -17.74 -22.65 -6.00
CA ASP B 330 -17.04 -23.72 -5.30
C ASP B 330 -15.88 -23.16 -4.46
N VAL C 39 -34.83 9.73 17.42
CA VAL C 39 -35.34 9.99 16.02
C VAL C 39 -34.45 11.03 15.33
N TYR C 40 -33.45 10.55 14.58
CA TYR C 40 -32.46 11.42 13.98
C TYR C 40 -32.74 11.63 12.49
N ARG C 41 -32.83 12.90 12.09
CA ARG C 41 -33.04 13.25 10.68
C ARG C 41 -31.72 13.51 9.96
N TYR C 42 -31.71 13.31 8.65
CA TYR C 42 -30.45 13.38 7.88
C TYR C 42 -30.60 13.77 6.41
N GLY C 43 -29.67 14.59 5.91
CA GLY C 43 -29.67 15.00 4.50
C GLY C 43 -28.52 15.92 4.13
N LYS C 44 -28.39 16.11 2.81
CA LYS C 44 -27.48 17.05 2.15
C LYS C 44 -26.85 18.10 3.07
N ALA C 45 -27.75 18.86 3.72
CA ALA C 45 -27.38 20.12 4.31
C ALA C 45 -26.89 19.94 5.74
N MET C 46 -27.02 18.72 6.25
CA MET C 46 -26.74 18.50 7.65
C MET C 46 -25.28 18.77 7.97
N PRO C 47 -24.97 19.00 9.26
CA PRO C 47 -23.63 19.37 9.60
C PRO C 47 -22.76 18.12 9.66
N LEU C 48 -21.87 18.02 8.66
CA LEU C 48 -21.02 16.87 8.55
C LEU C 48 -19.59 17.23 8.84
N ILE C 49 -18.84 16.26 9.34
CA ILE C 49 -17.44 16.46 9.62
C ILE C 49 -16.61 15.49 8.82
N PHE C 50 -15.70 16.04 8.04
CA PHE C 50 -14.78 15.23 7.28
C PHE C 50 -13.41 15.36 7.86
N VAL C 51 -12.89 14.25 8.36
CA VAL C 51 -11.51 14.23 8.81
C VAL C 51 -10.67 13.52 7.75
N GLY C 52 -9.52 14.11 7.47
CA GLY C 52 -8.60 13.53 6.51
C GLY C 52 -7.23 14.17 6.62
N GLY C 53 -6.37 13.83 5.66
CA GLY C 53 -4.96 14.17 5.71
C GLY C 53 -4.16 12.98 5.21
N VAL C 54 -2.86 13.17 4.98
CA VAL C 54 -1.97 12.06 4.62
C VAL C 54 -2.03 11.01 5.75
N PRO C 55 -2.27 9.73 5.39
CA PRO C 55 -2.34 8.69 6.42
C PRO C 55 -1.14 8.73 7.31
N ARG C 56 -1.26 8.10 8.47
CA ARG C 56 -0.23 8.15 9.49
C ARG C 56 -0.05 9.60 9.98
N SER C 57 -1.11 10.40 9.87
CA SER C 57 -1.14 11.75 10.43
C SER C 57 -2.08 11.87 11.60
N GLY C 58 -2.30 10.74 12.28
CA GLY C 58 -3.12 10.68 13.49
C GLY C 58 -4.59 10.90 13.22
N THR C 59 -4.99 10.58 11.99
CA THR C 59 -6.35 10.80 11.59
C THR C 59 -7.30 9.87 12.33
N THR C 60 -6.85 8.66 12.65
CA THR C 60 -7.69 7.75 13.40
C THR C 60 -7.84 8.28 14.80
N LEU C 61 -6.78 8.90 15.31
CA LEU C 61 -6.80 9.48 16.65
C LEU C 61 -7.80 10.61 16.76
N MET C 62 -7.69 11.57 15.83
CA MET C 62 -8.59 12.69 15.77
C MET C 62 -10.02 12.23 15.93
N ARG C 63 -10.46 11.40 14.99
CA ARG C 63 -11.83 10.92 14.93
C ARG C 63 -12.23 10.15 16.18
N ALA C 64 -11.32 9.33 16.69
CA ALA C 64 -11.62 8.47 17.83
C ALA C 64 -12.10 9.34 18.97
N MET C 65 -11.46 10.49 19.11
CA MET C 65 -11.81 11.44 20.16
C MET C 65 -13.17 12.08 19.89
N LEU C 66 -13.46 12.32 18.62
CA LEU C 66 -14.73 12.90 18.28
C LEU C 66 -15.84 11.87 18.48
N ASP C 67 -15.54 10.60 18.22
CA ASP C 67 -16.52 9.51 18.38
C ASP C 67 -17.00 9.39 19.82
N ALA C 68 -16.06 9.58 20.73
CA ALA C 68 -16.30 9.49 22.16
C ALA C 68 -17.45 10.39 22.58
N HIS C 69 -17.46 11.61 22.03
CA HIS C 69 -18.54 12.58 22.26
C HIS C 69 -19.90 11.89 22.05
N PRO C 70 -20.83 12.10 23.01
CA PRO C 70 -22.17 11.52 22.95
C PRO C 70 -22.97 12.00 21.74
N GLU C 71 -22.78 13.25 21.31
CA GLU C 71 -23.50 13.82 20.17
C GLU C 71 -22.90 13.43 18.81
N VAL C 72 -21.69 12.86 18.81
CA VAL C 72 -20.95 12.65 17.55
C VAL C 72 -20.60 11.19 17.24
N ARG C 73 -20.49 10.90 15.93
CA ARG C 73 -19.99 9.64 15.41
C ARG C 73 -19.30 9.85 14.07
N CYS C 74 -18.14 9.21 13.92
CA CYS C 74 -17.40 9.18 12.66
C CYS C 74 -17.34 7.76 12.15
N GLY C 75 -16.91 6.86 13.03
CA GLY C 75 -16.69 5.46 12.70
C GLY C 75 -15.39 5.11 11.96
N GLU C 76 -15.41 3.95 11.33
CA GLU C 76 -14.28 3.41 10.59
C GLU C 76 -14.11 4.09 9.26
N GLU C 77 -13.03 3.74 8.57
CA GLU C 77 -12.86 4.13 7.18
C GLU C 77 -13.88 3.35 6.37
N THR C 78 -14.46 4.01 5.38
CA THR C 78 -15.48 3.38 4.55
C THR C 78 -14.82 2.79 3.34
N ARG C 79 -13.71 3.41 2.93
CA ARG C 79 -12.94 3.07 1.72
C ARG C 79 -13.73 3.40 0.46
N ILE C 80 -15.05 3.18 0.52
CA ILE C 80 -15.90 3.25 -0.64
C ILE C 80 -15.97 4.66 -1.20
N ILE C 81 -15.98 5.61 -0.28
CA ILE C 81 -16.21 6.96 -0.66
C ILE C 81 -15.06 7.50 -1.53
N PRO C 82 -13.81 7.44 -1.01
CA PRO C 82 -12.75 8.04 -1.81
C PRO C 82 -12.73 7.41 -3.19
N ARG C 83 -13.23 6.18 -3.23
CA ARG C 83 -13.28 5.42 -4.44
C ARG C 83 -14.21 6.08 -5.45
N VAL C 84 -15.44 6.27 -5.03
CA VAL C 84 -16.46 6.84 -5.91
C VAL C 84 -16.10 8.26 -6.32
N LEU C 85 -15.30 8.91 -5.47
CA LEU C 85 -14.82 10.26 -5.72
C LEU C 85 -13.82 10.27 -6.85
N ALA C 86 -12.80 9.43 -6.72
CA ALA C 86 -11.78 9.30 -7.75
C ALA C 86 -12.44 9.14 -9.12
N MET C 87 -13.49 8.33 -9.16
CA MET C 87 -14.20 8.06 -10.40
C MET C 87 -14.95 9.27 -10.86
N ARG C 88 -15.76 9.80 -9.94
CA ARG C 88 -16.54 10.99 -10.22
C ARG C 88 -15.61 11.98 -10.91
N GLN C 89 -14.52 12.29 -10.22
CA GLN C 89 -13.45 13.10 -10.76
C GLN C 89 -13.22 12.72 -12.21
N ALA C 90 -12.77 11.49 -12.42
CA ALA C 90 -12.39 11.02 -13.74
C ALA C 90 -13.37 11.47 -14.82
N TRP C 91 -14.66 11.29 -14.57
CA TRP C 91 -15.68 11.58 -15.58
C TRP C 91 -15.77 13.06 -15.92
N SER C 92 -15.50 13.90 -14.91
CA SER C 92 -15.49 15.34 -15.12
C SER C 92 -14.13 15.83 -15.58
N LYS C 93 -13.07 15.14 -15.12
CA LYS C 93 -11.73 15.42 -15.59
C LYS C 93 -11.69 15.41 -17.12
N SER C 94 -12.72 14.81 -17.71
CA SER C 94 -12.93 14.77 -19.15
C SER C 94 -13.45 16.07 -19.79
N GLY C 95 -13.30 16.15 -21.12
CA GLY C 95 -13.97 17.14 -21.96
C GLY C 95 -14.88 16.45 -22.97
N ARG C 96 -14.58 15.17 -23.21
CA ARG C 96 -15.31 14.30 -24.15
C ARG C 96 -16.51 13.65 -23.44
N GLU C 97 -16.22 12.68 -22.58
CA GLU C 97 -17.21 11.99 -21.72
C GLU C 97 -17.97 13.01 -20.88
N LYS C 98 -17.43 14.22 -20.83
CA LYS C 98 -18.10 15.38 -20.25
C LYS C 98 -19.33 15.72 -21.09
N LEU C 99 -19.10 16.21 -22.31
CA LEU C 99 -20.18 16.57 -23.23
C LEU C 99 -21.07 15.38 -23.54
N ARG C 100 -20.46 14.20 -23.69
CA ARG C 100 -21.15 12.92 -23.87
C ARG C 100 -22.19 12.62 -22.77
N LEU C 101 -22.12 13.36 -21.65
CA LEU C 101 -23.02 13.14 -20.51
C LEU C 101 -24.12 14.19 -20.39
N ASP C 102 -23.81 15.45 -20.68
CA ASP C 102 -24.81 16.53 -20.63
C ASP C 102 -25.81 16.38 -21.77
N GLU C 103 -25.34 15.75 -22.84
CA GLU C 103 -26.19 15.31 -23.93
C GLU C 103 -27.17 14.22 -23.46
N ALA C 104 -26.70 13.36 -22.55
CA ALA C 104 -27.52 12.28 -22.00
C ALA C 104 -28.44 12.76 -20.87
N GLY C 105 -28.37 14.05 -20.58
CA GLY C 105 -29.10 14.62 -19.46
C GLY C 105 -28.38 14.39 -18.13
N VAL C 106 -27.22 13.75 -18.18
CA VAL C 106 -26.42 13.50 -16.98
C VAL C 106 -25.46 14.67 -16.82
N THR C 107 -25.95 15.73 -16.19
CA THR C 107 -25.15 16.93 -15.96
C THR C 107 -24.52 16.90 -14.57
N ASP C 108 -23.68 17.90 -14.31
CA ASP C 108 -23.08 18.08 -12.99
C ASP C 108 -24.12 17.92 -11.91
N GLU C 109 -25.23 18.65 -12.09
CA GLU C 109 -26.33 18.68 -11.12
C GLU C 109 -26.85 17.30 -10.79
N VAL C 110 -27.15 16.50 -11.81
CA VAL C 110 -27.59 15.15 -11.56
C VAL C 110 -26.45 14.43 -10.86
N LEU C 111 -25.25 14.55 -11.41
CA LEU C 111 -24.07 13.88 -10.86
C LEU C 111 -23.95 14.11 -9.36
N ASP C 112 -23.82 15.38 -9.01
CA ASP C 112 -23.66 15.77 -7.63
C ASP C 112 -24.80 15.24 -6.80
N ALA C 113 -26.03 15.44 -7.28
CA ALA C 113 -27.21 14.90 -6.62
C ALA C 113 -27.01 13.44 -6.24
N ALA C 114 -26.62 12.63 -7.23
CA ALA C 114 -26.39 11.22 -7.01
C ALA C 114 -25.31 11.04 -5.96
N MET C 115 -24.19 11.73 -6.17
CA MET C 115 -23.07 11.66 -5.23
C MET C 115 -23.58 11.87 -3.82
N GLN C 116 -24.28 12.99 -3.61
CA GLN C 116 -24.91 13.32 -2.33
C GLN C 116 -25.64 12.12 -1.77
N ALA C 117 -26.64 11.66 -2.51
CA ALA C 117 -27.44 10.51 -2.13
C ALA C 117 -26.55 9.37 -1.66
N PHE C 118 -25.55 9.04 -2.49
CA PHE C 118 -24.67 7.89 -2.27
C PHE C 118 -23.87 7.99 -0.97
N ILE C 119 -22.90 8.90 -0.95
CA ILE C 119 -22.07 9.11 0.23
C ILE C 119 -22.97 9.14 1.46
N LEU C 120 -24.02 9.97 1.41
CA LEU C 120 -24.95 10.13 2.52
C LEU C 120 -25.39 8.79 3.11
N GLU C 121 -25.97 7.95 2.28
CA GLU C 121 -26.43 6.66 2.74
C GLU C 121 -25.33 5.97 3.51
N VAL C 122 -24.18 5.89 2.88
CA VAL C 122 -23.03 5.22 3.46
C VAL C 122 -22.81 5.82 4.84
N ILE C 123 -22.45 7.10 4.85
CA ILE C 123 -22.18 7.78 6.09
C ILE C 123 -23.24 7.43 7.11
N ALA C 124 -24.50 7.49 6.69
CA ALA C 124 -25.63 7.27 7.58
C ALA C 124 -25.67 5.86 8.14
N LYS C 125 -25.54 4.88 7.25
CA LYS C 125 -25.88 3.52 7.60
C LYS C 125 -24.74 2.75 8.23
N HIS C 126 -23.52 3.16 7.95
CA HIS C 126 -22.37 2.31 8.27
C HIS C 126 -22.09 2.18 9.77
N GLY C 127 -22.72 3.03 10.57
CA GLY C 127 -22.50 3.01 12.01
C GLY C 127 -23.70 3.40 12.85
N GLU C 128 -23.44 3.59 14.14
CA GLU C 128 -24.46 4.00 15.10
C GLU C 128 -25.05 5.35 14.75
N PRO C 129 -26.35 5.57 15.11
CA PRO C 129 -26.99 6.87 14.86
C PRO C 129 -26.49 7.91 15.84
N ALA C 130 -26.43 9.17 15.38
CA ALA C 130 -26.05 10.29 16.22
C ALA C 130 -26.65 11.60 15.71
N ARG C 131 -26.47 12.69 16.49
CA ARG C 131 -26.97 14.01 16.10
C ARG C 131 -26.10 14.70 15.03
N VAL C 132 -24.79 14.72 15.25
CA VAL C 132 -23.84 15.24 14.26
C VAL C 132 -23.03 14.07 13.71
N LEU C 133 -23.05 13.91 12.40
CA LEU C 133 -22.30 12.81 11.79
C LEU C 133 -20.96 13.29 11.25
N CYS C 134 -20.01 12.36 11.22
CA CYS C 134 -18.70 12.62 10.67
C CYS C 134 -18.18 11.43 9.90
N ASN C 135 -17.18 11.69 9.07
CA ASN C 135 -16.53 10.64 8.34
C ASN C 135 -15.03 10.84 8.35
N LYS C 136 -14.31 9.72 8.18
CA LYS C 136 -12.85 9.74 8.09
C LYS C 136 -12.34 8.75 7.05
N ASP C 137 -11.84 9.27 5.94
CA ASP C 137 -11.08 8.49 4.95
C ASP C 137 -10.03 9.40 4.36
N PRO C 138 -8.77 9.17 4.75
CA PRO C 138 -7.70 10.13 4.53
C PRO C 138 -7.84 10.95 3.24
N PHE C 139 -8.02 10.29 2.09
CA PHE C 139 -7.91 10.99 0.81
C PHE C 139 -9.10 11.82 0.36
N THR C 140 -10.18 11.80 1.16
CA THR C 140 -11.34 12.66 0.91
C THR C 140 -10.89 14.11 0.85
N LEU C 141 -10.12 14.53 1.86
CA LEU C 141 -9.63 15.90 1.98
C LEU C 141 -8.91 16.44 0.74
N LYS C 142 -8.75 15.58 -0.26
CA LYS C 142 -8.22 15.99 -1.53
C LYS C 142 -9.30 16.67 -2.35
N SER C 143 -10.56 16.28 -2.08
CA SER C 143 -11.70 16.75 -2.86
C SER C 143 -12.63 17.65 -2.05
N SER C 144 -12.08 18.28 -1.01
CA SER C 144 -12.90 19.10 -0.13
C SER C 144 -13.66 20.19 -0.91
N VAL C 145 -12.94 20.91 -1.77
CA VAL C 145 -13.56 21.96 -2.58
C VAL C 145 -14.90 21.46 -3.05
N TYR C 146 -14.88 20.31 -3.72
CA TYR C 146 -16.09 19.65 -4.21
C TYR C 146 -17.02 19.21 -3.07
N LEU C 147 -16.45 18.55 -2.06
CA LEU C 147 -17.25 18.05 -0.94
C LEU C 147 -18.12 19.12 -0.31
N SER C 148 -17.51 20.27 -0.09
CA SER C 148 -18.18 21.41 0.55
C SER C 148 -19.33 21.90 -0.31
N ARG C 149 -19.20 21.73 -1.62
CA ARG C 149 -20.24 22.07 -2.58
C ARG C 149 -21.38 21.07 -2.48
N LEU C 150 -21.04 19.83 -2.14
CA LEU C 150 -22.05 18.81 -1.98
C LEU C 150 -22.78 18.95 -0.67
N PHE C 151 -22.11 19.52 0.34
CA PHE C 151 -22.73 19.66 1.65
C PHE C 151 -22.34 21.00 2.27
N PRO C 152 -23.17 22.03 2.03
CA PRO C 152 -22.78 23.42 2.28
C PRO C 152 -22.64 23.70 3.76
N ASN C 153 -23.01 22.73 4.58
CA ASN C 153 -22.87 22.87 6.01
C ASN C 153 -21.97 21.83 6.63
N SER C 154 -21.20 21.16 5.78
CA SER C 154 -20.15 20.27 6.24
C SER C 154 -18.93 21.08 6.63
N LYS C 155 -18.15 20.54 7.55
CA LYS C 155 -16.91 21.17 7.97
C LYS C 155 -15.73 20.20 7.78
N PHE C 156 -14.53 20.75 7.67
CA PHE C 156 -13.31 19.99 7.32
C PHE C 156 -12.08 20.09 8.28
N LEU C 157 -11.63 18.92 8.74
CA LEU C 157 -10.45 18.78 9.58
C LEU C 157 -9.34 18.01 8.88
N LEU C 158 -8.30 18.75 8.46
CA LEU C 158 -7.14 18.20 7.77
C LEU C 158 -5.97 18.01 8.75
N MET C 159 -5.67 16.77 9.12
CA MET C 159 -4.59 16.48 10.09
C MET C 159 -3.22 16.78 9.50
N VAL C 160 -2.43 17.57 10.22
CA VAL C 160 -1.08 17.90 9.77
C VAL C 160 -0.02 17.41 10.75
N ARG C 161 0.73 16.41 10.31
CA ARG C 161 1.84 15.87 11.07
C ARG C 161 3.09 16.04 10.24
N ASP C 162 4.20 16.27 10.93
CA ASP C 162 5.50 16.34 10.28
C ASP C 162 5.61 15.15 9.35
N GLY C 163 5.79 15.43 8.07
CA GLY C 163 5.88 14.40 7.04
C GLY C 163 6.95 13.36 7.31
N ARG C 164 8.00 13.79 7.99
CA ARG C 164 9.08 12.92 8.39
C ARG C 164 8.59 11.79 9.31
N ALA C 165 7.66 12.09 10.22
CA ALA C 165 7.12 11.08 11.14
C ALA C 165 6.02 10.21 10.51
N SER C 166 5.35 10.78 9.50
CA SER C 166 4.37 10.04 8.70
C SER C 166 5.07 9.06 7.77
N VAL C 167 6.07 9.55 7.04
CA VAL C 167 6.82 8.74 6.08
C VAL C 167 7.55 7.62 6.78
N HIS C 168 8.21 7.95 7.89
CA HIS C 168 8.82 6.97 8.76
C HIS C 168 7.79 5.96 9.24
N SER C 169 6.66 6.45 9.75
CA SER C 169 5.59 5.58 10.22
C SER C 169 5.11 4.59 9.14
N MET C 170 4.96 5.07 7.90
CA MET C 170 4.39 4.24 6.81
C MET C 170 5.37 3.26 6.18
N ILE C 171 6.66 3.60 6.26
CA ILE C 171 7.77 2.73 5.83
C ILE C 171 7.98 1.59 6.85
N THR C 172 8.05 1.94 8.13
CA THR C 172 8.30 0.97 9.20
C THR C 172 7.10 0.07 9.55
N ARG C 173 5.88 0.61 9.40
CA ARG C 173 4.64 -0.10 9.70
C ARG C 173 4.06 -0.88 8.52
N LYS C 174 4.81 -0.86 7.40
CA LYS C 174 4.52 -1.69 6.23
C LYS C 174 3.14 -1.42 5.59
N VAL C 175 2.85 -0.14 5.34
CA VAL C 175 1.62 0.27 4.67
C VAL C 175 1.94 0.63 3.20
N THR C 176 1.21 0.06 2.24
CA THR C 176 1.25 0.55 0.84
C THR C 176 -0.02 1.37 0.53
N ILE C 177 0.17 2.63 0.11
CA ILE C 177 -0.96 3.48 -0.31
C ILE C 177 -0.99 3.61 -1.83
N SER C 184 11.55 3.76 -0.34
CA SER C 184 12.45 4.92 -0.37
C SER C 184 11.87 6.04 0.46
N TYR C 185 12.70 6.63 1.32
CA TYR C 185 12.31 7.82 2.07
C TYR C 185 12.22 9.01 1.13
N ARG C 186 13.29 9.22 0.36
CA ARG C 186 13.31 10.22 -0.70
C ARG C 186 12.01 10.22 -1.54
N ASP C 187 11.59 9.03 -1.97
CA ASP C 187 10.35 8.85 -2.73
C ASP C 187 9.13 9.16 -1.86
N CYS C 188 9.06 8.52 -0.68
CA CYS C 188 7.91 8.65 0.23
C CYS C 188 7.63 10.08 0.70
N LEU C 189 8.69 10.88 0.82
CA LEU C 189 8.57 12.26 1.20
C LEU C 189 8.14 13.21 0.08
N THR C 190 8.79 13.12 -1.08
CA THR C 190 8.34 13.88 -2.27
C THR C 190 6.82 13.69 -2.40
N LYS C 191 6.39 12.45 -2.16
CA LYS C 191 4.99 12.05 -2.30
C LYS C 191 4.10 12.69 -1.24
N TRP C 192 4.50 12.53 0.03
CA TRP C 192 3.85 13.21 1.14
C TRP C 192 3.75 14.70 0.83
N ASN C 193 4.86 15.25 0.35
CA ASN C 193 4.96 16.65 0.00
C ASN C 193 3.85 17.08 -0.95
N LYS C 194 3.81 16.48 -2.13
CA LYS C 194 2.83 16.85 -3.14
C LYS C 194 1.40 16.63 -2.62
N ALA C 195 1.18 15.50 -1.95
CA ALA C 195 -0.14 15.12 -1.43
C ALA C 195 -0.68 16.18 -0.48
N ILE C 196 0.13 16.49 0.53
CA ILE C 196 -0.23 17.49 1.53
C ILE C 196 -0.29 18.93 0.93
N GLU C 197 0.52 19.19 -0.10
CA GLU C 197 0.52 20.48 -0.82
C GLU C 197 -0.82 20.73 -1.50
N VAL C 198 -1.40 19.67 -2.07
CA VAL C 198 -2.72 19.72 -2.64
C VAL C 198 -3.74 19.94 -1.52
N MET C 199 -3.75 19.03 -0.54
CA MET C 199 -4.72 19.06 0.56
C MET C 199 -4.82 20.40 1.27
N TYR C 200 -3.72 21.15 1.25
CA TYR C 200 -3.67 22.47 1.86
C TYR C 200 -4.28 23.53 0.95
N ALA C 201 -3.92 23.49 -0.33
CA ALA C 201 -4.46 24.44 -1.30
C ALA C 201 -6.00 24.43 -1.29
N GLN C 202 -6.57 23.22 -1.23
CA GLN C 202 -8.03 23.03 -1.08
C GLN C 202 -8.54 23.63 0.23
N CYS C 203 -7.95 23.23 1.35
CA CYS C 203 -8.32 23.74 2.68
C CYS C 203 -8.21 25.26 2.75
N MET C 204 -7.30 25.81 1.95
CA MET C 204 -7.13 27.25 1.86
C MET C 204 -8.17 27.91 0.97
N GLU C 205 -8.48 27.27 -0.15
CA GLU C 205 -9.54 27.74 -1.04
C GLU C 205 -10.90 27.75 -0.33
N VAL C 206 -11.19 26.65 0.38
CA VAL C 206 -12.43 26.46 1.13
C VAL C 206 -12.80 27.63 2.06
N GLY C 207 -11.79 28.20 2.73
CA GLY C 207 -12.04 29.30 3.64
C GLY C 207 -11.89 28.86 5.07
N LYS C 208 -11.32 29.75 5.89
CA LYS C 208 -10.93 29.44 7.28
C LYS C 208 -12.13 28.97 8.08
N GLU C 209 -13.30 29.31 7.57
CA GLU C 209 -14.56 29.04 8.23
C GLU C 209 -15.01 27.61 8.07
N LYS C 210 -14.61 27.01 6.93
CA LYS C 210 -15.02 25.65 6.59
C LYS C 210 -13.92 24.62 6.82
N CYS C 211 -12.66 25.02 6.68
CA CYS C 211 -11.54 24.09 6.85
C CYS C 211 -10.44 24.50 7.83
N LEU C 212 -10.21 23.62 8.80
CA LEU C 212 -9.27 23.87 9.89
C LEU C 212 -8.07 22.93 9.78
N PRO C 213 -6.84 23.48 9.66
CA PRO C 213 -5.61 22.68 9.81
C PRO C 213 -5.40 22.26 11.28
N VAL C 214 -5.26 20.95 11.53
CA VAL C 214 -5.09 20.42 12.89
C VAL C 214 -3.71 19.74 13.07
N TYR C 215 -2.82 20.36 13.86
CA TYR C 215 -1.48 19.85 14.03
C TYR C 215 -1.41 18.73 15.05
N TYR C 216 -1.01 17.56 14.55
CA TYR C 216 -0.94 16.34 15.36
C TYR C 216 -0.15 16.58 16.63
N GLU C 217 1.04 17.16 16.43
CA GLU C 217 1.94 17.43 17.55
C GLU C 217 1.29 18.37 18.55
N GLN C 218 0.54 19.35 18.06
CA GLN C 218 -0.17 20.28 18.92
C GLN C 218 -1.32 19.60 19.63
N LEU C 219 -1.86 18.58 18.98
CA LEU C 219 -2.98 17.82 19.52
C LEU C 219 -2.54 16.89 20.64
N VAL C 220 -1.51 16.10 20.39
CA VAL C 220 -1.07 15.15 21.40
C VAL C 220 -0.43 15.87 22.59
N LEU C 221 0.38 16.90 22.31
CA LEU C 221 0.97 17.75 23.35
C LEU C 221 -0.10 18.40 24.19
N HIS C 222 -1.00 19.14 23.53
CA HIS C 222 -2.04 19.89 24.21
C HIS C 222 -3.40 19.33 23.83
N PRO C 223 -3.84 18.22 24.49
CA PRO C 223 -5.11 17.59 24.14
C PRO C 223 -6.33 18.42 24.50
N ARG C 224 -6.27 19.16 25.61
CA ARG C 224 -7.41 19.95 26.08
C ARG C 224 -7.58 21.27 25.32
N ARG C 225 -6.46 21.95 25.03
CA ARG C 225 -6.49 23.23 24.33
CA ARG C 225 -6.48 23.23 24.32
C ARG C 225 -6.96 23.06 22.88
N SER C 226 -6.44 22.05 22.19
CA SER C 226 -6.75 21.79 20.78
C SER C 226 -8.22 21.42 20.50
N LEU C 227 -8.76 20.47 21.28
CA LEU C 227 -10.17 20.04 21.20
C LEU C 227 -11.18 21.16 21.49
N LYS C 228 -10.86 22.00 22.49
CA LYS C 228 -11.64 23.21 22.73
C LYS C 228 -11.74 24.01 21.44
N LEU C 229 -10.59 24.42 20.89
CA LEU C 229 -10.52 25.20 19.65
C LEU C 229 -11.24 24.53 18.50
N ILE C 230 -11.28 23.20 18.54
CA ILE C 230 -11.86 22.41 17.46
C ILE C 230 -13.38 22.34 17.59
N LEU C 231 -13.88 21.88 18.74
CA LEU C 231 -15.32 21.82 19.03
C LEU C 231 -15.97 23.21 18.93
N ASP C 232 -15.15 24.21 19.23
CA ASP C 232 -15.41 25.62 18.99
C ASP C 232 -15.67 25.83 17.49
N PHE C 233 -14.61 25.73 16.68
CA PHE C 233 -14.67 25.89 15.22
C PHE C 233 -15.81 25.14 14.54
N LEU C 234 -16.19 23.98 15.08
CA LEU C 234 -17.29 23.20 14.54
C LEU C 234 -18.64 23.72 15.01
N GLY C 235 -18.64 24.36 16.18
CA GLY C 235 -19.88 24.85 16.77
C GLY C 235 -20.56 23.74 17.55
N ILE C 236 -19.73 23.02 18.33
CA ILE C 236 -20.24 21.95 19.18
C ILE C 236 -19.84 22.21 20.61
N ALA C 237 -20.81 21.99 21.51
CA ALA C 237 -20.62 22.10 22.94
C ALA C 237 -19.54 21.13 23.39
N TRP C 238 -18.65 21.59 24.26
CA TRP C 238 -17.65 20.73 24.85
C TRP C 238 -18.28 19.56 25.61
N SER C 239 -17.57 18.42 25.61
CA SER C 239 -17.81 17.35 26.56
C SER C 239 -16.45 16.94 27.13
N ASP C 240 -16.43 16.54 28.39
CA ASP C 240 -15.19 16.07 29.02
C ASP C 240 -14.78 14.68 28.49
N ALA C 241 -15.75 13.97 27.89
CA ALA C 241 -15.51 12.63 27.32
C ALA C 241 -14.40 12.57 26.25
N VAL C 242 -14.18 13.69 25.54
CA VAL C 242 -13.13 13.86 24.51
C VAL C 242 -11.68 13.40 24.88
N LEU C 243 -11.30 13.60 26.14
CA LEU C 243 -9.94 13.30 26.57
C LEU C 243 -9.85 11.93 27.22
N HIS C 244 -10.95 11.16 27.08
CA HIS C 244 -11.05 9.84 27.69
C HIS C 244 -11.49 8.76 26.71
N HIS C 245 -11.16 8.96 25.43
CA HIS C 245 -11.61 8.09 24.33
C HIS C 245 -11.22 6.64 24.54
N GLU C 246 -10.05 6.42 25.14
CA GLU C 246 -9.60 5.08 25.48
C GLU C 246 -10.62 4.35 26.34
N ASP C 247 -11.47 5.10 27.03
CA ASP C 247 -12.47 4.54 27.95
C ASP C 247 -13.84 4.25 27.31
N LEU C 248 -13.95 4.46 25.98
CA LEU C 248 -15.23 4.31 25.28
C LEU C 248 -15.19 3.42 24.03
N ILE C 249 -14.20 2.53 23.96
CA ILE C 249 -14.03 1.66 22.79
C ILE C 249 -15.01 0.49 22.79
N GLY C 250 -15.81 0.41 21.74
CA GLY C 250 -16.83 -0.62 21.60
C GLY C 250 -18.12 -0.25 22.31
N LYS C 251 -18.06 0.82 23.12
CA LYS C 251 -19.21 1.27 23.91
C LYS C 251 -20.14 2.17 23.08
N PRO C 252 -21.47 2.12 23.36
CA PRO C 252 -22.47 2.90 22.61
C PRO C 252 -22.24 4.41 22.73
N GLY C 253 -22.54 5.14 21.65
CA GLY C 253 -22.37 6.61 21.60
C GLY C 253 -20.92 7.03 21.54
N GLY C 254 -20.02 6.04 21.65
CA GLY C 254 -18.59 6.26 21.67
C GLY C 254 -17.88 5.73 20.43
N VAL C 255 -16.73 5.10 20.65
CA VAL C 255 -15.77 4.79 19.59
C VAL C 255 -15.86 3.36 19.07
N SER C 256 -15.98 3.24 17.74
CA SER C 256 -16.04 1.95 17.04
C SER C 256 -14.82 1.79 16.11
N LEU C 257 -14.14 0.65 16.20
CA LEU C 257 -12.87 0.44 15.49
C LEU C 257 -12.81 -0.83 14.64
N SER C 258 -12.30 -0.67 13.41
CA SER C 258 -12.00 -1.84 12.58
C SER C 258 -10.78 -2.53 13.18
N LYS C 259 -10.89 -3.84 13.40
CA LYS C 259 -9.80 -4.56 14.03
C LYS C 259 -8.64 -4.81 13.07
N ILE C 260 -8.85 -4.49 11.78
CA ILE C 260 -7.82 -4.67 10.74
C ILE C 260 -7.29 -3.38 10.09
N GLU C 261 -7.85 -2.23 10.50
CA GLU C 261 -7.28 -0.93 10.15
C GLU C 261 -5.89 -0.83 10.78
N ARG C 262 -5.03 -0.01 10.21
CA ARG C 262 -3.62 0.00 10.63
C ARG C 262 -3.33 0.87 11.88
N SER C 263 -4.29 1.72 12.26
CA SER C 263 -4.21 2.49 13.52
C SER C 263 -5.03 1.84 14.65
N THR C 264 -5.56 0.65 14.38
CA THR C 264 -6.42 -0.12 15.31
C THR C 264 -5.95 -0.17 16.77
N ASP C 265 -4.64 -0.07 17.03
CA ASP C 265 -4.15 -0.25 18.43
C ASP C 265 -2.94 0.57 18.96
N GLN C 266 -2.73 1.78 18.43
CA GLN C 266 -1.99 2.84 19.16
C GLN C 266 -3.06 3.82 19.64
N VAL C 267 -4.17 3.79 18.90
CA VAL C 267 -5.36 4.54 19.21
C VAL C 267 -6.01 4.05 20.52
N ILE C 268 -6.05 2.72 20.73
CA ILE C 268 -6.65 2.14 21.95
C ILE C 268 -6.08 2.73 23.25
N LYS C 269 -4.81 3.16 23.19
CA LYS C 269 -4.13 3.79 24.32
C LYS C 269 -4.53 5.27 24.37
N PRO C 270 -4.47 5.87 25.58
CA PRO C 270 -4.75 7.30 25.68
C PRO C 270 -3.71 8.15 24.95
N VAL C 271 -4.06 9.41 24.68
CA VAL C 271 -3.18 10.37 24.03
C VAL C 271 -1.78 10.25 24.60
N ASN C 272 -0.88 9.64 23.85
CA ASN C 272 0.49 9.45 24.34
C ASN C 272 1.59 10.05 23.47
N LEU C 273 2.69 10.45 24.14
CA LEU C 273 3.76 11.24 23.52
C LEU C 273 4.72 10.38 22.69
N GLU C 274 4.58 9.07 22.80
CA GLU C 274 5.61 8.16 22.33
C GLU C 274 5.94 8.28 20.84
N ALA C 275 4.93 8.60 20.05
CA ALA C 275 5.10 8.62 18.60
C ALA C 275 5.80 9.88 18.09
N LEU C 276 5.84 10.91 18.92
CA LEU C 276 6.22 12.27 18.49
C LEU C 276 7.45 12.35 17.58
N SER C 277 8.59 11.93 18.11
CA SER C 277 9.86 12.18 17.45
C SER C 277 10.69 10.91 17.19
N LYS C 278 10.06 9.73 17.31
CA LYS C 278 10.80 8.46 17.19
C LYS C 278 11.45 8.30 15.81
N TRP C 279 10.93 9.06 14.86
CA TRP C 279 11.43 9.11 13.50
C TRP C 279 12.90 9.52 13.39
N THR C 280 13.33 10.48 14.21
CA THR C 280 14.65 11.09 14.03
C THR C 280 15.82 10.13 14.25
N GLY C 281 16.82 10.23 13.37
CA GLY C 281 17.98 9.37 13.41
C GLY C 281 17.94 8.27 12.35
N HIS C 282 16.73 7.71 12.13
CA HIS C 282 16.61 6.59 11.21
C HIS C 282 16.63 7.06 9.76
N ILE C 283 16.76 8.37 9.58
CA ILE C 283 16.73 8.94 8.24
C ILE C 283 18.10 8.82 7.58
N PRO C 284 18.14 8.21 6.38
CA PRO C 284 19.34 8.24 5.56
C PRO C 284 19.85 9.68 5.45
N GLY C 285 21.12 9.88 5.83
CA GLY C 285 21.78 11.19 5.82
C GLY C 285 21.55 12.05 4.58
N ASP C 286 21.61 11.44 3.39
CA ASP C 286 21.46 12.16 2.13
C ASP C 286 20.06 12.73 1.98
N VAL C 287 19.09 12.07 2.63
CA VAL C 287 17.70 12.54 2.66
C VAL C 287 17.58 13.68 3.69
N VAL C 288 18.20 13.51 4.85
CA VAL C 288 18.33 14.57 5.86
C VAL C 288 18.94 15.84 5.26
N ARG C 289 19.82 15.63 4.29
CA ARG C 289 20.63 16.66 3.65
C ARG C 289 19.89 17.43 2.55
N ASP C 290 19.04 16.71 1.81
CA ASP C 290 18.26 17.30 0.71
C ASP C 290 16.82 17.67 1.13
N MET C 291 16.61 17.71 2.46
CA MET C 291 15.27 17.86 3.05
C MET C 291 14.46 18.97 2.39
N ALA C 292 15.08 20.15 2.26
CA ALA C 292 14.39 21.35 1.82
C ALA C 292 13.86 21.30 0.39
N GLN C 293 14.49 20.48 -0.44
CA GLN C 293 14.10 20.34 -1.84
C GLN C 293 13.04 19.26 -1.95
N ILE C 294 13.22 18.21 -1.13
CA ILE C 294 12.31 17.07 -1.09
C ILE C 294 10.96 17.49 -0.53
N ALA C 295 10.98 18.27 0.56
CA ALA C 295 9.75 18.73 1.22
C ALA C 295 9.77 20.23 1.56
N PRO C 296 9.66 21.11 0.53
CA PRO C 296 9.60 22.53 0.86
C PRO C 296 8.39 22.79 1.73
N MET C 297 7.40 21.89 1.63
CA MET C 297 6.16 21.97 2.39
C MET C 297 6.36 21.95 3.90
N LEU C 298 7.30 21.13 4.37
CA LEU C 298 7.62 21.15 5.79
C LEU C 298 7.82 22.60 6.24
N ALA C 299 8.63 23.34 5.47
CA ALA C 299 8.94 24.74 5.76
C ALA C 299 7.69 25.64 5.90
N GLN C 300 6.82 25.58 4.88
CA GLN C 300 5.63 26.41 4.85
C GLN C 300 4.60 26.03 5.92
N LEU C 301 4.50 24.73 6.21
CA LEU C 301 3.59 24.24 7.25
C LEU C 301 4.07 24.61 8.65
N GLY C 302 5.28 25.15 8.73
CA GLY C 302 5.87 25.54 10.01
C GLY C 302 6.78 24.47 10.59
N TYR C 303 7.18 23.53 9.75
CA TYR C 303 8.13 22.51 10.17
C TYR C 303 9.53 22.84 9.67
N ASP C 304 10.49 22.97 10.61
CA ASP C 304 11.90 23.25 10.28
C ASP C 304 12.55 22.03 9.63
N PRO C 305 12.91 22.14 8.34
CA PRO C 305 13.46 20.98 7.62
C PRO C 305 14.84 20.64 8.16
N TYR C 306 15.51 21.64 8.74
CA TYR C 306 16.89 21.52 9.18
C TYR C 306 17.06 21.20 10.66
N ALA C 307 15.96 21.28 11.41
CA ALA C 307 15.96 20.82 12.80
C ALA C 307 15.61 19.32 12.83
N ASN C 308 16.41 18.54 13.54
CA ASN C 308 16.27 17.08 13.56
C ASN C 308 16.19 16.45 14.96
N PRO C 309 15.03 16.52 15.65
CA PRO C 309 13.75 17.08 15.20
C PRO C 309 13.72 18.59 15.44
N PRO C 310 12.62 19.26 15.03
CA PRO C 310 12.36 20.58 15.59
C PRO C 310 11.97 20.46 17.06
N ASN C 311 11.78 21.60 17.74
CA ASN C 311 11.21 21.58 19.09
C ASN C 311 9.72 21.84 19.04
N TYR C 312 8.95 20.75 19.11
CA TYR C 312 7.50 20.81 18.95
C TYR C 312 6.81 21.61 20.07
N GLY C 313 7.35 21.58 21.28
CA GLY C 313 6.73 22.26 22.42
C GLY C 313 6.77 21.44 23.69
N ASN C 314 5.83 21.68 24.61
CA ASN C 314 5.89 21.06 25.94
C ASN C 314 4.59 20.38 26.36
N PRO C 315 4.69 19.14 26.88
CA PRO C 315 3.50 18.34 27.14
C PRO C 315 2.75 18.81 28.37
N ASP C 316 1.42 18.71 28.30
CA ASP C 316 0.55 18.91 29.45
C ASP C 316 0.81 17.75 30.40
N PRO C 317 0.78 18.01 31.73
CA PRO C 317 0.88 16.94 32.74
C PRO C 317 -0.15 15.82 32.51
N PHE C 318 -1.26 16.16 31.84
CA PHE C 318 -2.28 15.17 31.43
C PHE C 318 -1.73 14.14 30.43
N VAL C 319 -0.90 14.60 29.49
CA VAL C 319 -0.34 13.72 28.47
C VAL C 319 0.85 12.90 28.99
N ILE C 320 1.67 13.54 29.83
CA ILE C 320 2.80 12.87 30.49
C ILE C 320 2.29 11.70 31.35
N ASN C 321 1.30 11.98 32.21
CA ASN C 321 0.71 10.95 33.09
C ASN C 321 0.02 9.81 32.35
N ASN C 322 -0.55 10.12 31.18
CA ASN C 322 -1.03 9.10 30.26
C ASN C 322 0.14 8.23 29.77
N THR C 323 1.17 8.89 29.23
CA THR C 323 2.36 8.20 28.69
C THR C 323 2.89 7.18 29.69
N GLN C 324 2.83 7.57 30.97
CA GLN C 324 3.22 6.71 32.10
C GLN C 324 2.32 5.47 32.26
N ARG C 325 1.01 5.69 32.36
CA ARG C 325 0.04 4.60 32.53
C ARG C 325 0.25 3.55 31.46
N VAL C 326 0.59 4.03 30.26
CA VAL C 326 0.81 3.20 29.07
C VAL C 326 2.11 2.37 29.19
N LEU C 327 3.17 3.01 29.70
CA LEU C 327 4.44 2.31 29.93
C LEU C 327 4.37 1.34 31.10
N LYS C 328 3.28 1.44 31.89
CA LYS C 328 3.00 0.48 32.96
C LYS C 328 2.11 -0.68 32.50
N GLY C 329 1.38 -0.47 31.39
CA GLY C 329 0.57 -1.51 30.76
C GLY C 329 -0.91 -1.48 31.07
N ASP C 330 -1.47 -0.26 31.12
CA ASP C 330 -2.89 -0.07 31.40
C ASP C 330 -3.74 -0.29 30.16
N VAL D 39 -46.74 16.55 -9.06
CA VAL D 39 -45.94 16.00 -7.91
C VAL D 39 -45.82 14.48 -8.06
N TYR D 40 -44.64 14.03 -8.52
CA TYR D 40 -44.35 12.61 -8.70
C TYR D 40 -43.38 12.07 -7.66
N ARG D 41 -43.91 11.14 -6.84
CA ARG D 41 -43.14 10.45 -5.82
C ARG D 41 -42.30 9.33 -6.44
N TYR D 42 -41.07 9.16 -5.93
CA TYR D 42 -40.22 8.08 -6.37
C TYR D 42 -39.58 7.40 -5.19
N GLY D 43 -39.56 6.07 -5.25
CA GLY D 43 -39.01 5.28 -4.18
C GLY D 43 -38.44 3.96 -4.67
N LYS D 44 -37.65 3.35 -3.81
CA LYS D 44 -37.18 1.99 -3.96
C LYS D 44 -38.17 1.05 -4.66
N ALA D 45 -39.44 1.11 -4.25
CA ALA D 45 -40.43 0.09 -4.63
C ALA D 45 -41.28 0.41 -5.86
N MET D 46 -40.99 1.51 -6.54
CA MET D 46 -41.81 1.92 -7.69
C MET D 46 -41.61 1.02 -8.92
N PRO D 47 -42.58 1.02 -9.85
CA PRO D 47 -42.43 0.18 -11.03
C PRO D 47 -41.46 0.83 -12.02
N LEU D 48 -40.27 0.23 -12.09
CA LEU D 48 -39.26 0.71 -13.01
C LEU D 48 -39.17 -0.17 -14.23
N ILE D 49 -38.64 0.39 -15.32
CA ILE D 49 -38.40 -0.38 -16.53
C ILE D 49 -36.94 -0.30 -16.90
N PHE D 50 -36.33 -1.46 -17.09
CA PHE D 50 -34.98 -1.51 -17.60
C PHE D 50 -34.94 -2.16 -18.96
N VAL D 51 -34.56 -1.34 -19.93
CA VAL D 51 -34.35 -1.79 -21.28
C VAL D 51 -32.85 -1.89 -21.44
N GLY D 52 -32.42 -2.92 -22.16
CA GLY D 52 -31.00 -3.16 -22.44
C GLY D 52 -30.78 -4.32 -23.39
N GLY D 53 -29.57 -4.89 -23.34
CA GLY D 53 -29.16 -5.92 -24.30
C GLY D 53 -27.97 -5.37 -25.09
N VAL D 54 -27.32 -6.24 -25.87
CA VAL D 54 -26.17 -5.81 -26.68
C VAL D 54 -26.57 -4.60 -27.53
N PRO D 55 -25.73 -3.56 -27.52
CA PRO D 55 -25.97 -2.38 -28.34
C PRO D 55 -26.27 -2.76 -29.77
N ARG D 56 -26.90 -1.84 -30.49
CA ARG D 56 -27.31 -2.08 -31.85
C ARG D 56 -28.41 -3.15 -31.94
N SER D 57 -28.95 -3.56 -30.76
CA SER D 57 -30.08 -4.49 -30.73
C SER D 57 -31.42 -3.78 -30.63
N GLY D 58 -31.50 -2.62 -31.27
CA GLY D 58 -32.72 -1.82 -31.27
C GLY D 58 -33.17 -1.47 -29.87
N THR D 59 -32.22 -1.24 -28.97
CA THR D 59 -32.54 -0.83 -27.60
C THR D 59 -33.06 0.63 -27.53
N THR D 60 -32.46 1.53 -28.32
CA THR D 60 -32.90 2.92 -28.41
C THR D 60 -34.33 3.02 -28.93
N LEU D 61 -34.62 2.32 -30.02
CA LEU D 61 -35.97 2.26 -30.58
C LEU D 61 -36.95 1.84 -29.48
N MET D 62 -36.64 0.74 -28.80
CA MET D 62 -37.51 0.21 -27.76
C MET D 62 -37.84 1.25 -26.73
N ARG D 63 -36.80 1.81 -26.13
CA ARG D 63 -37.00 2.83 -25.13
C ARG D 63 -37.71 4.02 -25.76
N ALA D 64 -37.32 4.39 -26.98
CA ALA D 64 -37.89 5.56 -27.66
C ALA D 64 -39.40 5.44 -27.75
N MET D 65 -39.87 4.22 -27.99
CA MET D 65 -41.29 3.92 -28.04
C MET D 65 -41.92 3.96 -26.64
N LEU D 66 -41.12 3.76 -25.60
CA LEU D 66 -41.66 3.84 -24.26
C LEU D 66 -41.74 5.29 -23.71
N ASP D 67 -40.90 6.19 -24.26
CA ASP D 67 -40.88 7.63 -23.89
C ASP D 67 -42.14 8.37 -24.36
N ALA D 68 -42.59 8.02 -25.56
CA ALA D 68 -43.77 8.59 -26.21
C ALA D 68 -45.05 8.34 -25.41
N HIS D 69 -45.10 7.21 -24.70
CA HIS D 69 -46.16 6.96 -23.75
C HIS D 69 -46.15 8.11 -22.75
N PRO D 70 -47.33 8.71 -22.52
CA PRO D 70 -47.45 9.87 -21.65
C PRO D 70 -47.01 9.54 -20.23
N GLU D 71 -47.36 8.33 -19.79
CA GLU D 71 -47.09 7.89 -18.43
C GLU D 71 -45.63 7.51 -18.18
N VAL D 72 -44.84 7.44 -19.26
CA VAL D 72 -43.52 6.83 -19.16
C VAL D 72 -42.39 7.66 -19.77
N ARG D 73 -41.25 7.62 -19.06
CA ARG D 73 -40.01 8.22 -19.51
C ARG D 73 -38.82 7.24 -19.33
N CYS D 74 -38.04 7.03 -20.40
CA CYS D 74 -36.76 6.30 -20.35
C CYS D 74 -35.62 7.26 -20.57
N GLY D 75 -35.78 8.12 -21.58
CA GLY D 75 -34.73 9.04 -22.00
C GLY D 75 -33.48 8.32 -22.49
N GLU D 76 -32.40 9.08 -22.59
CA GLU D 76 -31.14 8.60 -23.16
C GLU D 76 -30.37 7.63 -22.25
N GLU D 77 -29.17 7.24 -22.71
CA GLU D 77 -28.27 6.40 -21.94
C GLU D 77 -27.52 7.23 -20.91
N THR D 78 -27.43 6.72 -19.69
CA THR D 78 -26.72 7.40 -18.60
C THR D 78 -25.20 7.22 -18.66
N ARG D 79 -24.75 6.05 -19.13
CA ARG D 79 -23.34 5.70 -19.15
C ARG D 79 -22.85 5.43 -17.74
N ILE D 80 -23.50 6.09 -16.79
CA ILE D 80 -23.03 6.13 -15.43
C ILE D 80 -23.50 4.95 -14.59
N ILE D 81 -24.75 4.55 -14.77
CA ILE D 81 -25.33 3.47 -13.99
C ILE D 81 -24.53 2.18 -14.19
N PRO D 82 -24.28 1.81 -15.46
CA PRO D 82 -23.51 0.61 -15.67
C PRO D 82 -22.19 0.73 -14.93
N ARG D 83 -21.52 1.86 -15.17
CA ARG D 83 -20.21 2.12 -14.64
C ARG D 83 -20.14 1.85 -13.14
N VAL D 84 -21.15 2.30 -12.41
CA VAL D 84 -21.18 2.12 -10.96
C VAL D 84 -21.58 0.72 -10.55
N LEU D 85 -22.33 0.04 -11.40
CA LEU D 85 -22.65 -1.35 -11.18
C LEU D 85 -21.39 -2.19 -11.33
N ALA D 86 -20.61 -1.87 -12.36
CA ALA D 86 -19.36 -2.56 -12.67
C ALA D 86 -18.38 -2.54 -11.51
N MET D 87 -18.25 -1.37 -10.88
CA MET D 87 -17.45 -1.25 -9.69
C MET D 87 -18.12 -1.96 -8.52
N ARG D 88 -19.43 -1.78 -8.39
CA ARG D 88 -20.19 -2.45 -7.33
C ARG D 88 -19.89 -3.95 -7.38
N GLN D 89 -20.07 -4.52 -8.56
CA GLN D 89 -19.67 -5.89 -8.85
C GLN D 89 -18.29 -6.18 -8.25
N ALA D 90 -17.29 -5.43 -8.74
CA ALA D 90 -15.87 -5.60 -8.38
C ALA D 90 -15.52 -5.73 -6.90
N TRP D 91 -16.21 -4.95 -6.05
CA TRP D 91 -15.96 -5.00 -4.60
C TRP D 91 -16.54 -6.24 -3.95
N SER D 92 -17.72 -6.68 -4.41
CA SER D 92 -18.27 -7.98 -4.01
C SER D 92 -17.56 -9.11 -4.75
N LYS D 93 -16.98 -8.77 -5.92
CA LYS D 93 -16.06 -9.65 -6.62
C LYS D 93 -14.72 -9.77 -5.88
N SER D 94 -14.63 -9.13 -4.71
CA SER D 94 -13.48 -9.28 -3.80
C SER D 94 -13.92 -9.98 -2.52
N GLY D 95 -12.94 -10.56 -1.80
CA GLY D 95 -13.21 -11.28 -0.55
C GLY D 95 -12.07 -11.12 0.42
N ARG D 96 -11.02 -10.43 -0.03
CA ARG D 96 -9.92 -10.02 0.83
C ARG D 96 -9.89 -8.49 0.92
N GLU D 97 -10.90 -7.86 0.32
CA GLU D 97 -11.14 -6.41 0.37
C GLU D 97 -12.52 -6.11 0.98
N LYS D 98 -13.48 -6.98 0.70
CA LYS D 98 -14.81 -6.91 1.29
C LYS D 98 -14.74 -7.40 2.73
N LEU D 99 -13.85 -8.37 2.98
CA LEU D 99 -13.42 -8.73 4.33
C LEU D 99 -13.25 -7.46 5.15
N ARG D 100 -12.36 -6.59 4.66
CA ARG D 100 -12.04 -5.30 5.28
C ARG D 100 -13.20 -4.35 5.35
N LEU D 101 -14.18 -4.54 4.46
CA LEU D 101 -15.37 -3.69 4.45
C LEU D 101 -16.48 -4.26 5.31
N ASP D 102 -16.55 -5.59 5.38
CA ASP D 102 -17.42 -6.29 6.34
C ASP D 102 -16.99 -5.89 7.74
N GLU D 103 -15.69 -5.63 7.86
CA GLU D 103 -15.04 -5.10 9.05
C GLU D 103 -15.27 -3.60 9.27
N ALA D 104 -15.43 -2.87 8.17
CA ALA D 104 -15.63 -1.41 8.22
C ALA D 104 -17.06 -1.03 8.59
N GLY D 105 -17.97 -2.00 8.53
CA GLY D 105 -19.41 -1.74 8.69
C GLY D 105 -20.12 -1.62 7.35
N VAL D 106 -19.33 -1.59 6.27
CA VAL D 106 -19.83 -1.50 4.90
C VAL D 106 -20.26 -2.90 4.44
N THR D 107 -21.50 -3.26 4.80
CA THR D 107 -22.06 -4.58 4.46
C THR D 107 -22.84 -4.53 3.14
N ASP D 108 -23.19 -5.71 2.63
CA ASP D 108 -24.08 -5.83 1.46
C ASP D 108 -25.30 -4.85 1.56
N GLU D 109 -26.05 -4.93 2.66
CA GLU D 109 -27.24 -4.11 2.89
C GLU D 109 -27.02 -2.64 2.56
N VAL D 110 -26.03 -2.04 3.25
CA VAL D 110 -25.66 -0.64 3.06
C VAL D 110 -25.29 -0.36 1.60
N LEU D 111 -24.30 -1.10 1.09
CA LEU D 111 -23.93 -0.99 -0.32
C LEU D 111 -25.21 -0.87 -1.16
N ASP D 112 -26.12 -1.83 -0.95
CA ASP D 112 -27.35 -1.92 -1.71
C ASP D 112 -28.22 -0.69 -1.50
N ALA D 113 -28.42 -0.30 -0.25
CA ALA D 113 -29.14 0.92 0.03
C ALA D 113 -28.54 2.10 -0.74
N ALA D 114 -27.21 2.24 -0.69
CA ALA D 114 -26.51 3.34 -1.35
C ALA D 114 -26.70 3.30 -2.86
N MET D 115 -26.58 2.09 -3.41
CA MET D 115 -26.80 1.89 -4.83
C MET D 115 -28.19 2.39 -5.18
N GLN D 116 -29.20 1.78 -4.57
CA GLN D 116 -30.59 2.16 -4.73
C GLN D 116 -30.62 3.65 -4.88
N ALA D 117 -30.23 4.31 -3.82
CA ALA D 117 -30.17 5.76 -3.75
C ALA D 117 -29.43 6.34 -4.96
N PHE D 118 -28.25 5.80 -5.24
CA PHE D 118 -27.44 6.39 -6.30
C PHE D 118 -28.18 6.33 -7.60
N ILE D 119 -28.59 5.12 -7.94
CA ILE D 119 -29.24 4.87 -9.19
C ILE D 119 -30.52 5.70 -9.31
N LEU D 120 -31.52 5.38 -8.45
CA LEU D 120 -32.79 6.11 -8.47
C LEU D 120 -32.60 7.56 -8.90
N GLU D 121 -31.72 8.27 -8.20
CA GLU D 121 -31.48 9.70 -8.44
C GLU D 121 -31.17 9.99 -9.90
N VAL D 122 -30.30 9.17 -10.50
CA VAL D 122 -29.91 9.40 -11.88
C VAL D 122 -31.14 9.30 -12.77
N ILE D 123 -31.89 8.21 -12.62
CA ILE D 123 -33.09 7.97 -13.41
C ILE D 123 -34.09 9.11 -13.25
N ALA D 124 -34.47 9.36 -11.99
CA ALA D 124 -35.42 10.42 -11.69
C ALA D 124 -35.00 11.72 -12.35
N LYS D 125 -33.78 12.17 -12.06
CA LYS D 125 -33.40 13.55 -12.35
C LYS D 125 -32.89 13.83 -13.76
N HIS D 126 -32.30 12.84 -14.41
CA HIS D 126 -31.58 13.13 -15.64
C HIS D 126 -32.53 13.44 -16.80
N GLY D 127 -33.80 13.10 -16.64
CA GLY D 127 -34.82 13.42 -17.64
C GLY D 127 -36.04 14.09 -17.03
N GLU D 128 -37.06 14.34 -17.86
CA GLU D 128 -38.35 14.88 -17.39
C GLU D 128 -39.05 13.84 -16.49
N PRO D 129 -39.87 14.29 -15.54
CA PRO D 129 -40.53 13.28 -14.69
C PRO D 129 -41.56 12.46 -15.45
N ALA D 130 -41.88 11.29 -14.93
CA ALA D 130 -42.94 10.44 -15.46
C ALA D 130 -43.52 9.59 -14.34
N ARG D 131 -44.76 9.10 -14.52
CA ARG D 131 -45.42 8.24 -13.53
C ARG D 131 -44.72 6.87 -13.48
N VAL D 132 -44.29 6.42 -14.66
CA VAL D 132 -43.50 5.20 -14.78
C VAL D 132 -42.10 5.58 -15.28
N LEU D 133 -41.10 5.30 -14.45
CA LEU D 133 -39.70 5.59 -14.80
C LEU D 133 -38.99 4.39 -15.36
N CYS D 134 -38.20 4.67 -16.41
CA CYS D 134 -37.48 3.64 -17.12
C CYS D 134 -36.08 4.12 -17.42
N ASN D 135 -35.18 3.16 -17.64
CA ASN D 135 -33.81 3.46 -18.02
C ASN D 135 -33.29 2.53 -19.08
N LYS D 136 -32.56 3.11 -20.04
CA LYS D 136 -31.92 2.32 -21.06
C LYS D 136 -30.42 2.56 -21.09
N ASP D 137 -29.69 1.56 -20.62
CA ASP D 137 -28.25 1.45 -20.80
C ASP D 137 -27.94 0.00 -21.14
N PRO D 138 -27.67 -0.29 -22.43
CA PRO D 138 -27.55 -1.65 -22.91
C PRO D 138 -27.10 -2.66 -21.84
N PHE D 139 -25.88 -2.52 -21.33
CA PHE D 139 -25.26 -3.59 -20.56
C PHE D 139 -25.78 -3.78 -19.14
N THR D 140 -26.74 -2.96 -18.76
CA THR D 140 -27.38 -3.08 -17.45
C THR D 140 -27.93 -4.49 -17.27
N LEU D 141 -28.51 -4.99 -18.34
CA LEU D 141 -29.19 -6.27 -18.32
C LEU D 141 -28.25 -7.38 -17.87
N LYS D 142 -26.96 -7.03 -17.78
CA LYS D 142 -25.95 -7.96 -17.26
C LYS D 142 -26.13 -8.17 -15.76
N SER D 143 -26.78 -7.22 -15.12
CA SER D 143 -26.85 -7.20 -13.66
C SER D 143 -28.29 -7.26 -13.20
N SER D 144 -29.17 -7.67 -14.10
CA SER D 144 -30.61 -7.71 -13.84
C SER D 144 -31.04 -8.49 -12.59
N VAL D 145 -30.38 -9.61 -12.31
CA VAL D 145 -30.70 -10.41 -11.12
C VAL D 145 -30.52 -9.56 -9.86
N TYR D 146 -29.41 -8.82 -9.82
CA TYR D 146 -29.12 -7.91 -8.72
C TYR D 146 -30.08 -6.73 -8.74
N LEU D 147 -30.26 -6.12 -9.91
CA LEU D 147 -31.18 -4.98 -10.07
C LEU D 147 -32.55 -5.32 -9.54
N SER D 148 -33.04 -6.52 -9.88
CA SER D 148 -34.36 -6.99 -9.46
C SER D 148 -34.48 -7.12 -7.95
N ARG D 149 -33.37 -7.46 -7.31
CA ARG D 149 -33.32 -7.50 -5.85
C ARG D 149 -33.34 -6.08 -5.28
N LEU D 150 -32.64 -5.17 -5.94
CA LEU D 150 -32.62 -3.77 -5.56
C LEU D 150 -34.01 -3.15 -5.68
N PHE D 151 -34.68 -3.42 -6.80
CA PHE D 151 -35.97 -2.81 -7.07
C PHE D 151 -37.03 -3.90 -7.28
N PRO D 152 -37.59 -4.43 -6.17
CA PRO D 152 -38.45 -5.62 -6.17
C PRO D 152 -39.68 -5.52 -7.06
N ASN D 153 -39.97 -4.32 -7.55
CA ASN D 153 -41.09 -4.12 -8.47
C ASN D 153 -40.64 -3.61 -9.85
N SER D 154 -39.35 -3.66 -10.12
CA SER D 154 -38.85 -3.30 -11.43
C SER D 154 -39.08 -4.44 -12.41
N LYS D 155 -39.15 -4.10 -13.69
CA LYS D 155 -39.34 -5.07 -14.76
C LYS D 155 -38.21 -4.91 -15.81
N PHE D 156 -38.02 -5.94 -16.62
CA PHE D 156 -36.87 -5.99 -17.53
C PHE D 156 -37.24 -6.44 -18.94
N LEU D 157 -36.82 -5.63 -19.91
CA LEU D 157 -37.03 -5.96 -21.31
C LEU D 157 -35.67 -6.23 -21.97
N LEU D 158 -35.52 -7.44 -22.48
CA LEU D 158 -34.25 -7.88 -23.03
C LEU D 158 -34.28 -7.90 -24.56
N MET D 159 -33.59 -6.93 -25.18
CA MET D 159 -33.62 -6.74 -26.64
C MET D 159 -32.77 -7.78 -27.33
N VAL D 160 -33.41 -8.58 -28.18
CA VAL D 160 -32.75 -9.71 -28.83
C VAL D 160 -32.77 -9.53 -30.35
N ARG D 161 -31.62 -9.21 -30.92
CA ARG D 161 -31.51 -9.02 -32.36
C ARG D 161 -30.52 -10.02 -32.95
N ASP D 162 -30.75 -10.46 -34.19
CA ASP D 162 -29.79 -11.35 -34.86
C ASP D 162 -28.42 -10.68 -34.74
N GLY D 163 -27.50 -11.38 -34.07
CA GLY D 163 -26.16 -10.83 -33.78
C GLY D 163 -25.38 -10.45 -35.01
N ARG D 164 -25.65 -11.16 -36.09
CA ARG D 164 -25.05 -10.89 -37.38
C ARG D 164 -25.39 -9.45 -37.76
N ALA D 165 -26.65 -9.09 -37.53
CA ALA D 165 -27.13 -7.73 -37.79
C ALA D 165 -26.47 -6.75 -36.84
N SER D 166 -26.45 -7.09 -35.54
CA SER D 166 -25.81 -6.25 -34.53
C SER D 166 -24.36 -6.06 -34.88
N VAL D 167 -23.70 -7.18 -35.15
CA VAL D 167 -22.27 -7.20 -35.35
C VAL D 167 -21.89 -6.44 -36.61
N HIS D 168 -22.64 -6.68 -37.67
CA HIS D 168 -22.47 -5.90 -38.89
C HIS D 168 -22.55 -4.44 -38.50
N SER D 169 -23.69 -4.11 -37.88
CA SER D 169 -23.99 -2.75 -37.50
C SER D 169 -22.77 -2.10 -36.86
N MET D 170 -22.27 -2.70 -35.79
CA MET D 170 -21.23 -2.08 -34.97
C MET D 170 -19.88 -2.01 -35.68
N ILE D 171 -19.67 -2.88 -36.64
CA ILE D 171 -18.43 -2.87 -37.39
C ILE D 171 -18.47 -1.76 -38.43
N THR D 172 -19.51 -1.79 -39.24
CA THR D 172 -19.64 -0.86 -40.35
C THR D 172 -19.85 0.56 -39.84
N ARG D 173 -20.67 0.70 -38.80
CA ARG D 173 -20.93 2.01 -38.21
C ARG D 173 -19.77 2.53 -37.37
N LYS D 174 -18.72 1.73 -37.23
CA LYS D 174 -17.54 2.13 -36.46
C LYS D 174 -17.84 2.47 -35.00
N VAL D 175 -18.66 1.66 -34.35
CA VAL D 175 -19.06 1.92 -32.96
C VAL D 175 -18.26 1.05 -32.00
N THR D 176 -17.41 1.69 -31.20
CA THR D 176 -16.51 0.95 -30.32
C THR D 176 -17.20 0.60 -28.98
N ILE D 177 -17.20 -0.69 -28.64
CA ILE D 177 -17.76 -1.15 -27.36
C ILE D 177 -16.66 -1.77 -26.50
N ALA D 178 -16.89 -1.79 -25.18
CA ALA D 178 -15.95 -2.31 -24.18
C ALA D 178 -15.23 -3.62 -24.58
N GLY D 179 -14.18 -3.49 -25.40
CA GLY D 179 -13.36 -4.63 -25.85
C GLY D 179 -13.93 -5.50 -26.96
N PHE D 180 -14.29 -4.88 -28.08
CA PHE D 180 -14.77 -5.59 -29.27
C PHE D 180 -13.92 -5.21 -30.47
N ASP D 181 -13.26 -6.20 -31.08
CA ASP D 181 -12.38 -5.98 -32.24
C ASP D 181 -13.16 -5.84 -33.56
N LEU D 182 -13.27 -4.60 -34.03
CA LEU D 182 -14.00 -4.28 -35.25
C LEU D 182 -13.40 -4.89 -36.53
N SER D 183 -12.08 -5.11 -36.54
CA SER D 183 -11.41 -5.72 -37.70
C SER D 183 -11.76 -7.19 -37.93
N SER D 184 -12.28 -7.84 -36.89
CA SER D 184 -12.69 -9.24 -37.00
C SER D 184 -14.14 -9.43 -36.63
N TYR D 185 -14.92 -9.84 -37.62
CA TYR D 185 -16.29 -10.27 -37.38
C TYR D 185 -16.26 -11.43 -36.38
N ARG D 186 -15.35 -12.38 -36.61
CA ARG D 186 -15.18 -13.55 -35.77
C ARG D 186 -15.21 -13.15 -34.30
N ASP D 187 -14.32 -12.23 -33.95
CA ASP D 187 -14.17 -11.72 -32.60
C ASP D 187 -15.50 -11.16 -32.09
N CYS D 188 -16.00 -10.13 -32.78
CA CYS D 188 -17.21 -9.46 -32.35
C CYS D 188 -18.33 -10.46 -32.12
N LEU D 189 -18.36 -11.51 -32.94
CA LEU D 189 -19.41 -12.51 -32.88
C LEU D 189 -19.23 -13.42 -31.69
N THR D 190 -18.01 -13.91 -31.53
CA THR D 190 -17.61 -14.62 -30.33
C THR D 190 -18.03 -13.80 -29.12
N LYS D 191 -17.84 -12.49 -29.25
CA LYS D 191 -18.03 -11.54 -28.17
C LYS D 191 -19.52 -11.31 -27.90
N TRP D 192 -20.25 -11.02 -28.98
CA TRP D 192 -21.72 -10.91 -28.94
C TRP D 192 -22.31 -12.10 -28.19
N ASN D 193 -21.90 -13.28 -28.63
CA ASN D 193 -22.41 -14.52 -28.09
C ASN D 193 -22.31 -14.57 -26.57
N LYS D 194 -21.08 -14.44 -26.07
CA LYS D 194 -20.82 -14.50 -24.65
C LYS D 194 -21.65 -13.46 -23.92
N ALA D 195 -21.62 -12.24 -24.44
CA ALA D 195 -22.43 -11.18 -23.89
C ALA D 195 -23.88 -11.63 -23.76
N ILE D 196 -24.50 -11.98 -24.88
CA ILE D 196 -25.93 -12.30 -24.91
C ILE D 196 -26.25 -13.51 -24.03
N GLU D 197 -25.37 -14.52 -24.11
CA GLU D 197 -25.51 -15.75 -23.34
C GLU D 197 -25.74 -15.43 -21.87
N VAL D 198 -24.97 -14.46 -21.38
CA VAL D 198 -25.06 -14.02 -20.00
C VAL D 198 -26.42 -13.38 -19.76
N MET D 199 -26.71 -12.31 -20.48
CA MET D 199 -27.93 -11.53 -20.27
C MET D 199 -29.14 -12.42 -20.23
N TYR D 200 -29.10 -13.48 -21.03
CA TYR D 200 -30.20 -14.42 -21.12
C TYR D 200 -30.32 -15.20 -19.82
N ALA D 201 -29.18 -15.75 -19.38
CA ALA D 201 -29.13 -16.52 -18.14
C ALA D 201 -29.78 -15.72 -17.02
N GLN D 202 -29.41 -14.45 -16.94
CA GLN D 202 -29.97 -13.52 -15.96
C GLN D 202 -31.49 -13.49 -16.08
N CYS D 203 -31.94 -13.17 -17.29
CA CYS D 203 -33.36 -12.99 -17.61
C CYS D 203 -34.16 -14.24 -17.25
N MET D 204 -33.57 -15.40 -17.50
CA MET D 204 -34.17 -16.70 -17.20
C MET D 204 -34.21 -16.96 -15.71
N GLU D 205 -33.11 -16.64 -15.03
CA GLU D 205 -33.04 -16.75 -13.59
C GLU D 205 -34.06 -15.80 -12.99
N VAL D 206 -34.08 -14.58 -13.52
CA VAL D 206 -35.04 -13.56 -13.10
C VAL D 206 -36.47 -14.08 -13.14
N GLY D 207 -36.86 -14.63 -14.29
CA GLY D 207 -38.20 -15.18 -14.44
C GLY D 207 -39.07 -14.40 -15.41
N LYS D 208 -39.92 -15.14 -16.13
CA LYS D 208 -40.82 -14.61 -17.17
C LYS D 208 -41.64 -13.44 -16.62
N GLU D 209 -41.89 -13.48 -15.30
CA GLU D 209 -42.73 -12.50 -14.62
C GLU D 209 -42.11 -11.11 -14.61
N LYS D 210 -40.78 -11.06 -14.44
CA LYS D 210 -40.05 -9.79 -14.35
C LYS D 210 -39.25 -9.49 -15.62
N CYS D 211 -38.85 -10.54 -16.34
CA CYS D 211 -38.08 -10.35 -17.55
C CYS D 211 -38.77 -10.90 -18.79
N LEU D 212 -38.73 -10.09 -19.84
CA LEU D 212 -39.30 -10.42 -21.11
C LEU D 212 -38.27 -10.20 -22.21
N PRO D 213 -37.95 -11.26 -22.96
CA PRO D 213 -37.09 -11.08 -24.11
C PRO D 213 -37.85 -10.35 -25.20
N VAL D 214 -37.17 -9.44 -25.90
CA VAL D 214 -37.82 -8.67 -26.94
C VAL D 214 -37.07 -8.78 -28.27
N TYR D 215 -37.70 -9.43 -29.24
CA TYR D 215 -37.07 -9.70 -30.53
C TYR D 215 -37.24 -8.55 -31.53
N TYR D 216 -36.10 -7.96 -31.88
CA TYR D 216 -36.03 -6.78 -32.75
C TYR D 216 -36.83 -6.92 -34.02
N GLU D 217 -36.59 -8.01 -34.74
CA GLU D 217 -37.23 -8.23 -36.02
C GLU D 217 -38.72 -8.49 -35.89
N GLN D 218 -39.13 -9.13 -34.79
CA GLN D 218 -40.56 -9.32 -34.46
C GLN D 218 -41.24 -8.00 -34.16
N LEU D 219 -40.47 -7.09 -33.57
CA LEU D 219 -40.95 -5.78 -33.21
C LEU D 219 -41.08 -4.92 -34.46
N VAL D 220 -40.02 -4.86 -35.28
CA VAL D 220 -40.03 -4.02 -36.48
C VAL D 220 -41.13 -4.46 -37.44
N LEU D 221 -41.41 -5.78 -37.46
CA LEU D 221 -42.45 -6.36 -38.32
C LEU D 221 -43.87 -6.17 -37.78
N HIS D 222 -44.10 -6.60 -36.52
CA HIS D 222 -45.43 -6.52 -35.90
C HIS D 222 -45.44 -5.53 -34.72
N PRO D 223 -45.28 -4.22 -35.01
CA PRO D 223 -45.09 -3.30 -33.92
C PRO D 223 -46.33 -3.23 -33.05
N ARG D 224 -47.49 -3.47 -33.66
CA ARG D 224 -48.73 -3.44 -32.92
C ARG D 224 -48.84 -4.66 -32.02
N ARG D 225 -48.65 -5.85 -32.59
CA ARG D 225 -48.73 -7.09 -31.82
CA ARG D 225 -48.72 -7.09 -31.83
C ARG D 225 -47.73 -7.06 -30.67
N SER D 226 -46.51 -6.64 -30.98
CA SER D 226 -45.43 -6.62 -30.00
C SER D 226 -45.78 -5.75 -28.79
N LEU D 227 -45.75 -4.41 -28.99
CA LEU D 227 -45.94 -3.48 -27.89
C LEU D 227 -47.11 -3.86 -26.97
N LYS D 228 -48.19 -4.36 -27.57
CA LYS D 228 -49.39 -4.78 -26.83
C LYS D 228 -49.03 -5.80 -25.77
N LEU D 229 -48.32 -6.84 -26.20
CA LEU D 229 -47.86 -7.85 -25.28
C LEU D 229 -46.93 -7.21 -24.26
N ILE D 230 -46.10 -6.27 -24.73
CA ILE D 230 -45.09 -5.58 -23.91
C ILE D 230 -45.79 -4.89 -22.76
N LEU D 231 -46.61 -3.92 -23.12
CA LEU D 231 -47.29 -3.10 -22.15
C LEU D 231 -48.16 -3.97 -21.27
N ASP D 232 -48.69 -5.05 -21.84
CA ASP D 232 -49.45 -6.01 -21.07
C ASP D 232 -48.57 -6.55 -19.95
N PHE D 233 -47.45 -7.15 -20.36
CA PHE D 233 -46.45 -7.73 -19.45
C PHE D 233 -46.03 -6.76 -18.35
N LEU D 234 -45.84 -5.48 -18.73
CA LEU D 234 -45.50 -4.41 -17.79
C LEU D 234 -46.67 -4.09 -16.85
N GLY D 235 -47.90 -4.29 -17.32
CA GLY D 235 -49.10 -3.91 -16.58
C GLY D 235 -49.48 -2.44 -16.77
N ILE D 236 -49.35 -1.93 -18.01
CA ILE D 236 -49.71 -0.54 -18.35
C ILE D 236 -50.84 -0.51 -19.39
N ALA D 237 -51.82 0.36 -19.17
CA ALA D 237 -52.91 0.56 -20.12
C ALA D 237 -52.36 0.91 -21.49
N TRP D 238 -53.06 0.46 -22.52
CA TRP D 238 -52.61 0.69 -23.89
C TRP D 238 -52.53 2.18 -24.28
N SER D 239 -51.56 2.48 -25.16
CA SER D 239 -51.47 3.79 -25.81
C SER D 239 -50.99 3.62 -27.24
N ASP D 240 -51.70 4.25 -28.16
CA ASP D 240 -51.36 4.17 -29.58
C ASP D 240 -50.17 5.05 -29.94
N ALA D 241 -49.98 6.18 -29.21
CA ALA D 241 -48.87 7.09 -29.47
C ALA D 241 -47.59 6.30 -29.65
N VAL D 242 -47.62 5.10 -29.06
CA VAL D 242 -46.58 4.09 -29.16
C VAL D 242 -46.03 3.99 -30.58
N LEU D 243 -46.94 3.84 -31.53
CA LEU D 243 -46.55 3.56 -32.91
C LEU D 243 -46.13 4.82 -33.65
N HIS D 244 -46.31 5.97 -32.99
CA HIS D 244 -45.99 7.26 -33.57
C HIS D 244 -44.93 7.94 -32.73
N HIS D 245 -43.96 7.15 -32.32
CA HIS D 245 -42.86 7.67 -31.55
C HIS D 245 -42.23 8.87 -32.28
N GLU D 246 -42.01 8.69 -33.58
CA GLU D 246 -41.28 9.65 -34.42
C GLU D 246 -41.87 11.05 -34.35
N ASP D 247 -43.15 11.13 -34.01
CA ASP D 247 -43.88 12.39 -33.91
C ASP D 247 -43.69 13.05 -32.52
N LEU D 248 -42.93 12.42 -31.63
CA LEU D 248 -42.84 12.88 -30.24
C LEU D 248 -41.41 13.23 -29.76
N ILE D 249 -40.52 13.54 -30.72
CA ILE D 249 -39.10 13.83 -30.43
C ILE D 249 -38.89 15.27 -29.97
N GLY D 250 -38.33 15.42 -28.78
CA GLY D 250 -38.05 16.74 -28.21
C GLY D 250 -39.29 17.45 -27.65
N LYS D 251 -40.44 16.80 -27.74
CA LYS D 251 -41.67 17.34 -27.20
C LYS D 251 -41.83 16.80 -25.77
N PRO D 252 -42.49 17.59 -24.90
CA PRO D 252 -42.79 17.26 -23.51
C PRO D 252 -43.65 16.00 -23.31
N GLY D 253 -43.22 15.13 -22.39
CA GLY D 253 -43.90 13.84 -22.10
C GLY D 253 -43.46 12.71 -23.02
N GLY D 254 -42.95 13.10 -24.20
CA GLY D 254 -42.59 12.15 -25.24
C GLY D 254 -41.14 11.75 -25.14
N VAL D 255 -40.42 11.87 -26.26
CA VAL D 255 -39.10 11.26 -26.41
C VAL D 255 -37.95 12.27 -26.35
N SER D 256 -36.95 11.96 -25.51
CA SER D 256 -35.75 12.79 -25.39
C SER D 256 -34.53 12.06 -25.94
N LEU D 257 -33.82 12.69 -26.89
CA LEU D 257 -32.67 12.05 -27.54
C LEU D 257 -31.38 12.83 -27.41
N SER D 258 -30.27 12.10 -27.35
CA SER D 258 -28.93 12.68 -27.33
C SER D 258 -28.45 12.82 -28.76
N LYS D 259 -27.87 13.97 -29.13
CA LYS D 259 -27.54 14.24 -30.53
C LYS D 259 -26.25 13.57 -30.99
N ILE D 260 -25.59 12.87 -30.06
CA ILE D 260 -24.34 12.20 -30.39
C ILE D 260 -24.36 10.72 -30.04
N GLU D 261 -25.45 10.23 -29.46
CA GLU D 261 -25.65 8.79 -29.34
C GLU D 261 -25.70 8.17 -30.75
N ARG D 262 -25.30 6.91 -30.87
CA ARG D 262 -25.08 6.33 -32.20
C ARG D 262 -26.32 5.84 -32.93
N SER D 263 -27.46 5.79 -32.22
CA SER D 263 -28.70 5.37 -32.83
C SER D 263 -29.71 6.53 -32.98
N THR D 264 -29.29 7.58 -33.70
CA THR D 264 -30.10 8.80 -33.88
C THR D 264 -30.76 8.94 -35.26
N ASP D 265 -29.96 9.06 -36.33
CA ASP D 265 -30.53 9.22 -37.66
C ASP D 265 -31.44 8.04 -38.03
N GLN D 266 -31.43 7.00 -37.19
CA GLN D 266 -32.28 5.81 -37.35
C GLN D 266 -33.58 5.88 -36.54
N VAL D 267 -33.48 6.31 -35.28
CA VAL D 267 -34.65 6.39 -34.38
C VAL D 267 -35.61 7.56 -34.71
N ILE D 268 -35.08 8.64 -35.29
CA ILE D 268 -35.91 9.79 -35.69
C ILE D 268 -37.04 9.41 -36.64
N LYS D 269 -36.79 8.38 -37.45
CA LYS D 269 -37.79 7.85 -38.37
C LYS D 269 -38.70 6.83 -37.66
N PRO D 270 -39.94 6.63 -38.18
CA PRO D 270 -40.84 5.62 -37.59
C PRO D 270 -40.35 4.20 -37.82
N VAL D 271 -40.95 3.25 -37.10
CA VAL D 271 -40.58 1.84 -37.20
C VAL D 271 -40.45 1.42 -38.66
N ASN D 272 -39.21 1.24 -39.14
CA ASN D 272 -38.99 0.77 -40.53
C ASN D 272 -38.22 -0.57 -40.65
N LEU D 273 -38.16 -1.10 -41.87
CA LEU D 273 -37.69 -2.48 -42.15
C LEU D 273 -36.25 -2.60 -42.69
N GLU D 274 -35.67 -1.47 -43.10
CA GLU D 274 -34.41 -1.48 -43.85
C GLU D 274 -33.27 -2.24 -43.20
N ALA D 275 -33.16 -2.12 -41.88
CA ALA D 275 -32.03 -2.66 -41.14
C ALA D 275 -32.09 -4.18 -40.98
N LEU D 276 -33.30 -4.73 -41.05
CA LEU D 276 -33.52 -6.12 -40.65
C LEU D 276 -32.43 -7.12 -41.13
N SER D 277 -32.13 -7.08 -42.42
CA SER D 277 -31.26 -8.10 -43.03
C SER D 277 -30.14 -7.52 -43.91
N LYS D 278 -29.80 -6.24 -43.73
CA LYS D 278 -28.77 -5.61 -44.57
C LYS D 278 -27.34 -6.13 -44.30
N TRP D 279 -27.26 -7.02 -43.30
CA TRP D 279 -26.03 -7.70 -42.94
C TRP D 279 -25.69 -8.81 -43.93
N THR D 280 -26.72 -9.50 -44.43
CA THR D 280 -26.53 -10.67 -45.29
C THR D 280 -25.71 -10.32 -46.53
N GLY D 281 -24.51 -10.94 -46.64
CA GLY D 281 -23.66 -10.75 -47.82
C GLY D 281 -22.33 -10.07 -47.54
N HIS D 282 -22.19 -9.47 -46.36
CA HIS D 282 -20.96 -8.76 -45.97
C HIS D 282 -20.06 -9.55 -45.02
N ILE D 283 -20.60 -10.68 -44.52
CA ILE D 283 -19.88 -11.60 -43.63
C ILE D 283 -18.78 -12.37 -44.40
N PRO D 284 -17.55 -12.40 -43.86
CA PRO D 284 -16.48 -13.20 -44.45
C PRO D 284 -16.87 -14.65 -44.48
N GLY D 285 -16.76 -15.25 -45.65
CA GLY D 285 -17.17 -16.62 -45.86
C GLY D 285 -16.88 -17.51 -44.67
N ASP D 286 -15.60 -17.57 -44.28
CA ASP D 286 -15.14 -18.48 -43.22
C ASP D 286 -15.97 -18.37 -41.95
N VAL D 287 -16.49 -17.18 -41.70
CA VAL D 287 -17.29 -16.90 -40.51
C VAL D 287 -18.68 -17.50 -40.70
N VAL D 288 -19.24 -17.30 -41.89
CA VAL D 288 -20.51 -17.88 -42.25
C VAL D 288 -20.40 -19.41 -42.15
N ARG D 289 -19.19 -19.94 -42.39
CA ARG D 289 -18.92 -21.37 -42.37
C ARG D 289 -18.90 -21.89 -40.94
N ASP D 290 -18.23 -21.16 -40.06
CA ASP D 290 -18.11 -21.57 -38.68
C ASP D 290 -19.23 -21.03 -37.83
N MET D 291 -20.27 -20.52 -38.50
CA MET D 291 -21.32 -19.82 -37.81
C MET D 291 -21.86 -20.49 -36.53
N ALA D 292 -22.10 -21.79 -36.56
CA ALA D 292 -22.72 -22.46 -35.42
C ALA D 292 -21.75 -22.77 -34.26
N GLN D 293 -20.46 -22.67 -34.53
CA GLN D 293 -19.43 -22.77 -33.48
C GLN D 293 -19.20 -21.39 -32.89
N ILE D 294 -19.10 -20.39 -33.77
CA ILE D 294 -18.89 -19.01 -33.38
C ILE D 294 -20.07 -18.49 -32.58
N ALA D 295 -21.29 -18.79 -33.03
CA ALA D 295 -22.46 -18.32 -32.32
C ALA D 295 -23.53 -19.41 -32.12
N PRO D 296 -23.28 -20.37 -31.19
CA PRO D 296 -24.30 -21.37 -30.82
C PRO D 296 -25.53 -20.78 -30.09
N MET D 297 -25.45 -19.52 -29.66
CA MET D 297 -26.62 -18.81 -29.12
C MET D 297 -27.68 -18.56 -30.21
N LEU D 298 -27.24 -18.15 -31.40
CA LEU D 298 -28.13 -17.95 -32.53
C LEU D 298 -29.20 -19.03 -32.51
N ALA D 299 -28.76 -20.27 -32.63
CA ALA D 299 -29.64 -21.42 -32.64
C ALA D 299 -30.64 -21.40 -31.48
N GLN D 300 -30.09 -21.37 -30.25
CA GLN D 300 -30.91 -21.47 -29.06
C GLN D 300 -31.92 -20.32 -28.93
N LEU D 301 -31.56 -19.16 -29.46
CA LEU D 301 -32.47 -18.01 -29.50
C LEU D 301 -33.49 -18.10 -30.64
N GLY D 302 -33.40 -19.17 -31.44
CA GLY D 302 -34.31 -19.36 -32.55
C GLY D 302 -33.89 -18.69 -33.86
N TYR D 303 -32.62 -18.28 -33.94
CA TYR D 303 -32.03 -17.81 -35.19
C TYR D 303 -31.24 -18.94 -35.85
N ASP D 304 -31.72 -19.40 -37.01
CA ASP D 304 -31.03 -20.45 -37.77
C ASP D 304 -29.66 -19.94 -38.22
N PRO D 305 -28.58 -20.59 -37.74
CA PRO D 305 -27.22 -20.11 -38.00
C PRO D 305 -26.88 -20.18 -39.49
N TYR D 306 -27.43 -21.22 -40.15
CA TYR D 306 -27.09 -21.49 -41.54
C TYR D 306 -28.05 -20.83 -42.53
N ALA D 307 -29.10 -20.20 -42.02
CA ALA D 307 -29.97 -19.38 -42.85
C ALA D 307 -29.35 -18.00 -42.99
N ASN D 308 -29.24 -17.49 -44.22
CA ASN D 308 -28.47 -16.28 -44.51
C ASN D 308 -29.16 -15.29 -45.47
N PRO D 309 -30.11 -14.47 -44.96
CA PRO D 309 -30.62 -14.41 -43.59
C PRO D 309 -31.62 -15.53 -43.32
N PRO D 310 -32.23 -15.56 -42.12
CA PRO D 310 -33.37 -16.46 -41.99
C PRO D 310 -34.58 -15.77 -42.55
N ASN D 311 -35.68 -16.51 -42.62
CA ASN D 311 -36.95 -15.91 -42.92
C ASN D 311 -37.54 -15.38 -41.62
N TYR D 312 -37.32 -14.09 -41.36
CA TYR D 312 -37.80 -13.44 -40.13
C TYR D 312 -39.33 -13.41 -40.00
N GLY D 313 -40.02 -13.19 -41.12
CA GLY D 313 -41.49 -13.14 -41.13
C GLY D 313 -42.03 -12.16 -42.16
N ASN D 314 -43.27 -11.71 -41.93
CA ASN D 314 -43.96 -10.83 -42.88
C ASN D 314 -44.46 -9.53 -42.26
N PRO D 315 -44.00 -8.37 -42.81
CA PRO D 315 -44.31 -7.03 -42.28
C PRO D 315 -45.78 -6.59 -42.29
N ASP D 316 -46.16 -5.89 -41.22
CA ASP D 316 -47.44 -5.21 -41.16
C ASP D 316 -47.45 -4.11 -42.22
N PRO D 317 -48.57 -3.98 -42.95
CA PRO D 317 -48.77 -2.91 -43.92
C PRO D 317 -48.33 -1.57 -43.33
N PHE D 318 -48.73 -1.35 -42.08
CA PHE D 318 -48.27 -0.19 -41.32
C PHE D 318 -46.76 0.05 -41.50
N VAL D 319 -45.98 -1.03 -41.38
CA VAL D 319 -44.52 -0.93 -41.40
C VAL D 319 -44.04 -0.68 -42.80
N ILE D 320 -44.58 -1.46 -43.72
CA ILE D 320 -44.28 -1.26 -45.12
C ILE D 320 -44.51 0.21 -45.43
N ASN D 321 -45.70 0.70 -45.12
CA ASN D 321 -46.08 2.08 -45.42
C ASN D 321 -45.18 3.12 -44.76
N ASN D 322 -44.75 2.83 -43.55
CA ASN D 322 -43.79 3.70 -42.89
C ASN D 322 -42.51 3.68 -43.69
N THR D 323 -42.09 2.49 -44.09
CA THR D 323 -40.85 2.30 -44.82
C THR D 323 -40.82 3.19 -46.05
N GLN D 324 -41.88 3.10 -46.86
CA GLN D 324 -42.02 3.93 -48.05
C GLN D 324 -41.81 5.41 -47.71
N ARG D 325 -42.58 5.87 -46.70
CA ARG D 325 -42.51 7.25 -46.24
C ARG D 325 -41.09 7.66 -45.94
N VAL D 326 -40.33 6.72 -45.40
CA VAL D 326 -38.93 6.94 -45.09
C VAL D 326 -38.17 7.10 -46.39
N LEU D 327 -38.53 6.28 -47.37
CA LEU D 327 -37.90 6.36 -48.67
C LEU D 327 -38.28 7.65 -49.41
N LYS D 328 -39.48 8.17 -49.11
CA LYS D 328 -39.98 9.42 -49.72
C LYS D 328 -39.33 10.71 -49.20
N GLY D 329 -38.75 10.63 -48.01
CA GLY D 329 -38.08 11.77 -47.40
C GLY D 329 -38.98 12.58 -46.48
N ASP D 330 -39.60 11.83 -45.48
CA ASP D 330 -40.43 12.47 -44.44
C ASP D 330 -39.61 12.74 -43.17
P1 A3P E . 39.71 14.06 23.94
O1P A3P E . 39.22 14.25 22.52
O2P A3P E . 41.22 14.00 24.15
O3P A3P E . 39.08 14.98 24.97
P2 A3P E . 36.34 7.97 21.97
O4P A3P E . 36.13 8.77 20.68
O5P A3P E . 35.01 7.52 22.54
O6P A3P E . 37.48 6.97 22.08
O5' A3P E . 36.96 8.97 23.04
C5' A3P E . 37.69 10.09 22.61
C4' A3P E . 38.78 10.28 23.63
O4' A3P E . 39.73 9.21 23.56
C3' A3P E . 39.60 11.53 23.37
O3' A3P E . 39.16 12.56 24.24
C2' A3P E . 41.03 11.10 23.66
O2' A3P E . 41.71 11.95 24.58
C1' A3P E . 40.79 9.78 24.31
N9 A3P E . 41.99 8.94 24.28
C8 A3P E . 42.39 8.14 23.27
N7 A3P E . 43.53 7.48 23.58
C5 A3P E . 43.88 7.87 24.82
C6 A3P E . 44.98 7.56 25.72
N6 A3P E . 45.93 6.68 25.31
N1 A3P E . 44.98 8.20 26.94
C2 A3P E . 44.01 9.08 27.33
N3 A3P E . 42.98 9.39 26.53
C4 A3P E . 42.87 8.83 25.29
P1 A3P F . -5.63 -9.08 -11.03
O1P A3P F . -5.45 -8.02 -9.94
O2P A3P F . -6.82 -9.98 -10.80
O3P A3P F . -5.62 -8.52 -12.46
P2 A3P F . 0.53 -11.07 -7.44
O4P A3P F . 0.20 -9.65 -7.01
O5P A3P F . 1.63 -11.21 -8.49
O6P A3P F . 0.66 -12.03 -6.28
O5' A3P F . -0.77 -11.65 -8.19
C5' A3P F . -1.97 -10.89 -8.25
C4' A3P F . -2.66 -11.42 -9.49
O4' A3P F . -2.63 -12.86 -9.38
C3' A3P F . -4.12 -10.95 -9.66
O3' A3P F . -4.34 -10.08 -10.81
C2' A3P F . -4.91 -12.26 -9.71
O2' A3P F . -5.90 -12.29 -10.75
C1' A3P F . -3.88 -13.38 -9.90
N9 A3P F . -4.39 -14.69 -9.34
C8 A3P F . -4.41 -15.09 -8.03
N7 A3P F . -4.99 -16.32 -7.90
C5 A3P F . -5.36 -16.74 -9.14
C6 A3P F . -6.03 -17.95 -9.74
N6 A3P F . -6.42 -18.97 -8.93
N1 A3P F . -6.23 -17.99 -11.08
C2 A3P F . -5.86 -16.98 -11.89
N3 A3P F . -5.26 -15.85 -11.44
C4 A3P F . -4.97 -15.67 -10.09
P1 A3P G . 2.95 6.18 14.29
O1P A3P G . 2.69 5.15 13.21
O2P A3P G . 2.95 5.68 15.75
O3P A3P G . 4.21 7.04 14.05
P2 A3P G . -3.39 7.92 10.88
O4P A3P G . -3.13 6.66 10.07
O5P A3P G . -3.46 9.17 9.99
O6P A3P G . -4.49 7.88 11.93
O5' A3P G . -2.11 8.13 11.87
C5' A3P G . -1.61 7.10 12.74
C4' A3P G . -0.77 7.70 13.88
O4' A3P G . -1.60 8.20 14.98
C3' A3P G . 0.29 6.75 14.51
O3' A3P G . 1.63 7.13 14.15
C2' A3P G . 0.08 6.91 16.01
O2' A3P G . 1.30 7.13 16.74
C1' A3P G . -0.86 8.10 16.20
N9 A3P G . -1.67 7.75 17.40
C8 A3P G . -2.71 6.88 17.47
N7 A3P G . -3.21 6.82 18.73
C5 A3P G . -2.45 7.63 19.49
C6 A3P G . -2.41 8.04 20.93
N6 A3P G . -3.30 7.53 21.83
N1 A3P G . -1.47 8.94 21.32
C2 A3P G . -0.59 9.45 20.43
N3 A3P G . -0.56 9.14 19.12
C4 A3P G . -1.44 8.24 18.61
P1 A3P H . -28.41 -0.85 -37.51
O1P A3P H . -27.23 -0.05 -36.93
O2P A3P H . -29.30 -0.12 -38.51
O3P A3P H . -28.15 -2.28 -38.00
P2 A3P H . -29.60 0.10 -30.40
O4P A3P H . -28.22 0.76 -30.44
O5P A3P H . -29.66 -1.10 -29.46
O6P A3P H . -30.76 1.04 -30.37
O5' A3P H . -29.87 -0.51 -31.86
C5' A3P H . -29.44 0.21 -33.01
C4' A3P H . -30.26 -0.31 -34.16
O4' A3P H . -31.61 0.15 -34.02
C3' A3P H . -29.76 0.21 -35.49
O3' A3P H . -29.30 -0.97 -36.15
C2' A3P H . -30.98 0.84 -36.16
O2' A3P H . -31.17 0.37 -37.49
C1' A3P H . -32.15 0.36 -35.32
N9 A3P H . -33.25 1.37 -35.31
C8 A3P H . -33.32 2.49 -34.57
N7 A3P H . -34.47 3.18 -34.81
C5 A3P H . -35.15 2.49 -35.73
C6 A3P H . -36.43 2.66 -36.43
N6 A3P H . -37.22 3.74 -36.15
N1 A3P H . -36.78 1.71 -37.33
C2 A3P H . -36.00 0.63 -37.58
N3 A3P H . -34.82 0.42 -36.98
C4 A3P H . -34.36 1.30 -36.05
#